data_6XJM
#
_entry.id   6XJM
#
_cell.length_a   61.290
_cell.length_b   103.340
_cell.length_c   133.870
_cell.angle_alpha   90.000
_cell.angle_beta   90.000
_cell.angle_gamma   90.000
#
_symmetry.space_group_name_H-M   'P 21 21 21'
#
loop_
_entity.id
_entity.type
_entity.pdbx_description
1 polymer 'Biuret hydrolase'
2 non-polymer 'dicarbonimidic diamide'
3 water water
#
_entity_poly.entity_id   1
_entity_poly.type   'polypeptide(L)'
_entity_poly.pdbx_seq_one_letter_code
;GSHMIYSTVNANPYAWPYDGSIDPAHTALILIDWQIDFCGPGGYVDSMGYDLSLTRSGLEPTARVLAAARDTGMTVIHTR
EGHRPDLADLPPNKRWRSASAGAEIGSVGPCGRILVRGEPGWEIVPEVAPREGEPIIDKPGKGAFYATDLDLLLRTRGIT
HLILTGITTDVSVHTTMREANDRGYECLILSDCTGATDRKHHEAALSMVTMQGGVFGATAHSDDLLAALGTTVPAAAGPR
ARTE
;
_entity_poly.pdbx_strand_id   A,B,C,D
#
loop_
_chem_comp.id
_chem_comp.type
_chem_comp.name
_chem_comp.formula
C5J non-polymer 'dicarbonimidic diamide' 'C2 H5 N3 O2'
#
# COMPACT_ATOMS: atom_id res chain seq x y z
N ILE A 5 28.02 -16.74 5.37
CA ILE A 5 27.84 -15.50 6.22
C ILE A 5 29.12 -14.63 6.18
N TYR A 6 28.97 -13.34 5.86
CA TYR A 6 30.10 -12.42 5.58
C TYR A 6 30.12 -11.33 6.65
N SER A 7 31.28 -10.69 6.81
CA SER A 7 31.55 -9.63 7.83
C SER A 7 30.83 -8.34 7.41
N THR A 8 30.85 -7.35 8.30
CA THR A 8 30.37 -5.98 8.04
C THR A 8 31.26 -5.32 6.97
N VAL A 9 30.70 -4.31 6.32
CA VAL A 9 31.33 -3.39 5.34
C VAL A 9 31.80 -2.15 6.11
N ASN A 10 33.01 -1.65 5.81
CA ASN A 10 33.54 -0.36 6.35
C ASN A 10 32.73 0.78 5.70
N ALA A 11 31.65 1.17 6.34
CA ALA A 11 30.62 2.07 5.76
C ALA A 11 30.54 3.33 6.61
N ASN A 12 29.86 4.34 6.06
CA ASN A 12 29.60 5.65 6.70
C ASN A 12 28.09 5.73 6.94
N PRO A 13 27.64 5.93 8.21
CA PRO A 13 28.53 6.18 9.35
C PRO A 13 28.76 5.05 10.36
N TYR A 14 28.35 3.82 10.08
CA TYR A 14 28.58 2.66 11.00
C TYR A 14 29.05 1.50 10.14
N ALA A 15 29.61 0.46 10.77
CA ALA A 15 30.00 -0.79 10.09
C ALA A 15 28.72 -1.55 9.68
N TRP A 16 28.43 -1.68 8.39
CA TRP A 16 27.09 -2.08 7.90
C TRP A 16 27.09 -3.57 7.63
N PRO A 17 26.03 -4.35 7.95
CA PRO A 17 24.80 -3.84 8.55
C PRO A 17 24.77 -3.81 10.08
N TYR A 18 23.72 -3.20 10.65
CA TYR A 18 23.60 -2.90 12.10
C TYR A 18 23.66 -4.21 12.90
N ASP A 19 23.25 -5.33 12.31
CA ASP A 19 23.14 -6.62 13.04
C ASP A 19 24.42 -7.45 12.86
N GLY A 20 25.46 -6.93 12.23
CA GLY A 20 26.86 -7.42 12.39
C GLY A 20 27.31 -8.45 11.37
N SER A 21 26.47 -8.86 10.41
CA SER A 21 26.89 -9.78 9.32
C SER A 21 25.92 -9.77 8.14
N ILE A 22 26.38 -10.28 7.00
CA ILE A 22 25.63 -10.32 5.72
C ILE A 22 25.36 -11.79 5.42
N ASP A 23 24.08 -12.17 5.43
CA ASP A 23 23.57 -13.50 5.03
C ASP A 23 22.95 -13.38 3.62
N PRO A 24 23.60 -13.99 2.60
CA PRO A 24 23.08 -14.00 1.23
C PRO A 24 21.60 -14.39 1.17
N ALA A 25 21.18 -15.30 2.06
CA ALA A 25 19.80 -15.82 2.12
C ALA A 25 18.82 -14.71 2.54
N HIS A 26 19.29 -13.60 3.09
CA HIS A 26 18.41 -12.49 3.58
C HIS A 26 18.82 -11.17 2.94
N THR A 27 19.69 -11.23 1.93
CA THR A 27 20.23 -10.03 1.27
C THR A 27 19.92 -10.03 -0.22
N ALA A 28 19.51 -8.86 -0.73
CA ALA A 28 19.27 -8.62 -2.17
C ALA A 28 20.10 -7.42 -2.66
N LEU A 29 20.80 -7.62 -3.77
CA LEU A 29 21.37 -6.49 -4.56
C LEU A 29 20.25 -5.96 -5.43
N ILE A 30 20.06 -4.64 -5.43
CA ILE A 30 19.04 -4.00 -6.30
C ILE A 30 19.78 -3.14 -7.33
N LEU A 31 19.52 -3.38 -8.61
CA LEU A 31 20.07 -2.56 -9.71
C LEU A 31 18.92 -1.72 -10.29
N ILE A 32 18.98 -0.41 -10.07
CA ILE A 32 17.87 0.53 -10.30
C ILE A 32 18.11 1.27 -11.61
N ASP A 33 17.34 0.91 -12.63
CA ASP A 33 17.07 1.77 -13.81
C ASP A 33 18.35 1.98 -14.64
N TRP A 34 19.19 0.97 -14.82
CA TRP A 34 20.38 1.11 -15.70
C TRP A 34 19.90 1.00 -17.14
N GLN A 35 19.30 2.07 -17.69
CA GLN A 35 18.55 2.04 -18.97
C GLN A 35 19.14 3.15 -19.85
N ILE A 36 19.18 2.97 -21.17
CA ILE A 36 19.68 4.04 -22.09
C ILE A 36 18.98 5.34 -21.71
N ASP A 37 17.69 5.26 -21.32
CA ASP A 37 16.89 6.46 -20.97
C ASP A 37 17.61 7.25 -19.85
N PHE A 38 18.34 6.60 -18.95
CA PHE A 38 19.01 7.31 -17.83
C PHE A 38 20.51 7.49 -18.09
N CYS A 39 21.16 6.66 -18.91
CA CYS A 39 22.65 6.77 -19.03
C CYS A 39 23.18 6.57 -20.45
N GLY A 40 22.35 6.68 -21.50
CA GLY A 40 22.78 6.30 -22.86
C GLY A 40 22.48 7.39 -23.88
N PRO A 41 23.28 7.51 -24.95
CA PRO A 41 22.98 8.47 -26.01
C PRO A 41 21.61 8.23 -26.67
N GLY A 42 20.84 9.28 -26.92
CA GLY A 42 19.55 9.22 -27.65
C GLY A 42 18.34 9.07 -26.74
N GLY A 43 18.56 8.77 -25.45
CA GLY A 43 17.48 8.55 -24.45
C GLY A 43 16.99 9.84 -23.77
N TYR A 44 16.13 9.68 -22.76
CA TYR A 44 15.48 10.77 -21.97
C TYR A 44 16.52 11.75 -21.40
N VAL A 45 17.49 11.27 -20.63
CA VAL A 45 18.45 12.15 -19.92
C VAL A 45 19.33 12.86 -20.95
N ASP A 46 19.78 12.17 -22.00
CA ASP A 46 20.56 12.78 -23.10
C ASP A 46 19.72 13.85 -23.78
N SER A 47 18.44 13.55 -24.06
CA SER A 47 17.53 14.47 -24.78
C SER A 47 17.32 15.75 -23.96
N MET A 48 17.43 15.70 -22.62
CA MET A 48 17.23 16.88 -21.74
C MET A 48 18.53 17.68 -21.64
N GLY A 49 19.65 17.12 -22.13
CA GLY A 49 20.93 17.82 -22.34
C GLY A 49 21.81 17.66 -21.12
N TYR A 50 21.50 16.70 -20.26
CA TYR A 50 22.35 16.41 -19.07
C TYR A 50 23.58 15.61 -19.50
N ASP A 51 24.59 15.58 -18.63
CA ASP A 51 25.93 15.04 -18.91
C ASP A 51 25.93 13.55 -18.55
N LEU A 52 25.95 12.68 -19.57
CA LEU A 52 25.83 11.20 -19.45
C LEU A 52 27.02 10.61 -18.69
N SER A 53 28.19 11.24 -18.72
CA SER A 53 29.39 10.71 -18.02
C SER A 53 29.11 10.71 -16.51
N LEU A 54 28.22 11.55 -16.01
CA LEU A 54 27.88 11.53 -14.56
C LEU A 54 27.16 10.22 -14.21
N THR A 55 26.30 9.70 -15.10
CA THR A 55 25.47 8.48 -14.83
C THR A 55 26.30 7.23 -15.18
N ARG A 56 27.10 7.29 -16.25
CA ARG A 56 27.81 6.13 -16.86
C ARG A 56 29.02 5.68 -16.04
N SER A 57 29.64 6.55 -15.23
CA SER A 57 30.79 6.15 -14.36
C SER A 57 30.37 5.01 -13.40
N GLY A 58 29.11 4.88 -12.99
CA GLY A 58 28.65 3.82 -12.06
C GLY A 58 28.54 2.42 -12.69
N LEU A 59 28.60 2.31 -14.02
CA LEU A 59 28.25 1.09 -14.78
C LEU A 59 29.23 -0.04 -14.49
N GLU A 60 30.52 0.19 -14.72
CA GLU A 60 31.53 -0.88 -14.68
C GLU A 60 31.71 -1.31 -13.23
N PRO A 61 31.73 -0.38 -12.24
CA PRO A 61 31.65 -0.75 -10.82
C PRO A 61 30.42 -1.58 -10.43
N THR A 62 29.25 -1.24 -10.96
CA THR A 62 27.99 -2.01 -10.72
C THR A 62 28.16 -3.43 -11.28
N ALA A 63 28.67 -3.55 -12.51
CA ALA A 63 28.94 -4.86 -13.15
C ALA A 63 29.76 -5.70 -12.17
N ARG A 64 30.79 -5.11 -11.56
CA ARG A 64 31.71 -5.83 -10.65
C ARG A 64 30.93 -6.27 -9.41
N VAL A 65 30.08 -5.41 -8.84
CA VAL A 65 29.26 -5.75 -7.64
C VAL A 65 28.22 -6.79 -8.04
N LEU A 66 27.64 -6.65 -9.23
CA LEU A 66 26.67 -7.67 -9.74
C LEU A 66 27.35 -9.05 -9.77
N ALA A 67 28.63 -9.15 -10.21
CA ALA A 67 29.34 -10.45 -10.28
C ALA A 67 29.52 -11.02 -8.87
N ALA A 68 29.87 -10.21 -7.88
CA ALA A 68 30.14 -10.66 -6.48
C ALA A 68 28.84 -11.13 -5.81
N ALA A 69 27.74 -10.43 -6.03
CA ALA A 69 26.40 -10.88 -5.58
C ALA A 69 26.05 -12.24 -6.20
N ARG A 70 26.27 -12.42 -7.51
CA ARG A 70 25.99 -13.72 -8.20
C ARG A 70 26.89 -14.80 -7.58
N ASP A 71 28.18 -14.51 -7.35
CA ASP A 71 29.14 -15.49 -6.77
C ASP A 71 28.74 -15.89 -5.34
N THR A 72 28.15 -14.99 -4.54
CA THR A 72 27.81 -15.27 -3.11
C THR A 72 26.39 -15.82 -3.00
N GLY A 73 25.63 -15.82 -4.10
CA GLY A 73 24.32 -16.48 -4.20
C GLY A 73 23.25 -15.65 -3.55
N MET A 74 23.47 -14.36 -3.34
CA MET A 74 22.45 -13.47 -2.73
C MET A 74 21.37 -13.18 -3.79
N THR A 75 20.17 -12.77 -3.39
CA THR A 75 19.10 -12.32 -4.32
C THR A 75 19.63 -11.14 -5.16
N VAL A 76 19.28 -11.11 -6.44
CA VAL A 76 19.50 -9.96 -7.34
C VAL A 76 18.18 -9.58 -7.98
N ILE A 77 17.83 -8.30 -7.87
CA ILE A 77 16.58 -7.73 -8.44
C ILE A 77 16.94 -6.50 -9.26
N HIS A 78 16.37 -6.39 -10.47
CA HIS A 78 16.61 -5.22 -11.35
C HIS A 78 15.36 -4.37 -11.42
N THR A 79 15.49 -3.08 -11.67
CA THR A 79 14.30 -2.21 -11.90
C THR A 79 14.40 -1.51 -13.25
N ARG A 80 13.23 -1.30 -13.84
CA ARG A 80 13.10 -0.49 -15.06
C ARG A 80 11.99 0.53 -14.81
N GLU A 81 12.34 1.81 -14.89
CA GLU A 81 11.30 2.86 -14.90
C GLU A 81 10.69 2.85 -16.31
N GLY A 82 9.37 2.85 -16.39
CA GLY A 82 8.67 2.81 -17.67
C GLY A 82 7.18 2.80 -17.51
N HIS A 83 6.47 3.08 -18.60
CA HIS A 83 5.00 3.14 -18.66
C HIS A 83 4.45 2.12 -19.64
N ARG A 84 3.31 1.56 -19.27
CA ARG A 84 2.42 0.83 -20.20
C ARG A 84 2.43 1.62 -21.50
N PRO A 85 2.57 0.99 -22.70
CA PRO A 85 2.47 1.71 -23.96
C PRO A 85 1.19 2.52 -24.17
N ASP A 86 0.07 2.16 -23.53
CA ASP A 86 -1.18 2.99 -23.50
C ASP A 86 -1.05 4.16 -22.52
N LEU A 87 0.00 4.23 -21.68
CA LEU A 87 0.27 5.37 -20.77
C LEU A 87 -0.85 5.52 -19.72
N ALA A 88 -1.61 4.47 -19.42
CA ALA A 88 -2.61 4.49 -18.32
C ALA A 88 -1.95 4.72 -16.96
N ASP A 89 -0.66 4.44 -16.83
CA ASP A 89 0.07 4.56 -15.53
C ASP A 89 0.93 5.85 -15.53
N LEU A 90 0.63 6.82 -16.39
CA LEU A 90 1.41 8.08 -16.52
C LEU A 90 0.64 9.25 -15.93
N PRO A 91 1.01 9.78 -14.74
CA PRO A 91 0.34 10.98 -14.25
C PRO A 91 0.58 12.16 -15.19
N PRO A 92 -0.45 13.01 -15.36
CA PRO A 92 -0.36 14.14 -16.28
C PRO A 92 0.75 15.14 -15.91
N ASN A 93 1.05 15.35 -14.62
CA ASN A 93 2.14 16.27 -14.17
C ASN A 93 3.50 15.72 -14.61
N LYS A 94 3.75 14.41 -14.49
CA LYS A 94 5.02 13.79 -14.92
C LYS A 94 5.21 13.97 -16.44
N ARG A 95 4.15 13.70 -17.22
CA ARG A 95 4.16 13.85 -18.69
C ARG A 95 4.50 15.31 -19.01
N TRP A 96 3.81 16.24 -18.34
CA TRP A 96 3.85 17.69 -18.65
C TRP A 96 5.27 18.20 -18.42
N ARG A 97 5.88 17.79 -17.30
CA ARG A 97 7.27 18.22 -16.96
C ARG A 97 8.22 17.68 -18.00
N SER A 98 8.05 16.42 -18.42
CA SER A 98 8.93 15.80 -19.43
C SER A 98 8.84 16.58 -20.76
N ALA A 99 7.64 17.00 -21.18
CA ALA A 99 7.40 17.81 -22.40
C ALA A 99 8.13 19.15 -22.25
N SER A 100 8.04 19.70 -21.05
CA SER A 100 8.60 21.01 -20.69
C SER A 100 10.13 20.95 -20.76
N ALA A 101 10.73 19.83 -20.37
CA ALA A 101 12.20 19.63 -20.38
C ALA A 101 12.65 19.16 -21.77
N GLY A 102 11.73 19.02 -22.72
CA GLY A 102 12.07 18.77 -24.14
C GLY A 102 12.30 17.29 -24.43
N ALA A 103 11.76 16.42 -23.58
CA ALA A 103 11.89 14.96 -23.75
C ALA A 103 10.61 14.25 -23.26
N GLU A 104 9.50 14.41 -23.97
CA GLU A 104 8.18 14.04 -23.43
C GLU A 104 8.11 12.51 -23.34
N ILE A 105 7.67 11.98 -22.21
CA ILE A 105 7.41 10.52 -22.08
C ILE A 105 6.46 10.11 -23.20
N GLY A 106 6.77 9.02 -23.93
CA GLY A 106 5.95 8.49 -25.02
C GLY A 106 6.36 8.99 -26.39
N SER A 107 7.14 10.07 -26.46
CA SER A 107 7.58 10.69 -27.73
C SER A 107 8.74 9.88 -28.32
N VAL A 108 8.80 9.86 -29.63
CA VAL A 108 9.79 9.01 -30.37
C VAL A 108 11.09 9.79 -30.52
N GLY A 109 12.17 9.17 -30.06
CA GLY A 109 13.53 9.65 -30.26
C GLY A 109 14.37 8.58 -30.88
N PRO A 110 15.71 8.78 -30.88
CA PRO A 110 16.61 7.77 -31.43
C PRO A 110 16.46 6.36 -30.84
N CYS A 111 15.91 6.22 -29.63
CA CYS A 111 15.83 4.90 -28.95
C CYS A 111 14.35 4.49 -28.76
N GLY A 112 13.47 4.94 -29.66
CA GLY A 112 12.03 4.64 -29.58
C GLY A 112 11.31 5.56 -28.61
N ARG A 113 10.13 5.16 -28.14
CA ARG A 113 9.26 6.01 -27.29
C ARG A 113 9.91 6.15 -25.89
N ILE A 114 10.11 7.39 -25.45
CA ILE A 114 10.80 7.70 -24.16
C ILE A 114 10.02 7.03 -23.01
N LEU A 115 10.72 6.20 -22.22
CA LEU A 115 10.22 5.62 -20.95
C LEU A 115 8.93 4.83 -21.19
N VAL A 116 8.86 4.13 -22.32
CA VAL A 116 7.74 3.20 -22.63
C VAL A 116 8.26 1.77 -22.61
N ARG A 117 7.53 0.89 -21.92
CA ARG A 117 7.89 -0.55 -21.84
C ARG A 117 7.99 -1.10 -23.27
N GLY A 118 9.02 -1.87 -23.55
CA GLY A 118 9.26 -2.60 -24.81
C GLY A 118 10.23 -1.87 -25.73
N GLU A 119 10.59 -0.62 -25.43
CA GLU A 119 11.34 0.28 -26.36
C GLU A 119 12.85 0.12 -26.12
N PRO A 120 13.70 0.29 -27.15
CA PRO A 120 15.16 0.13 -26.96
C PRO A 120 15.73 0.99 -25.83
N GLY A 121 15.34 2.25 -25.71
CA GLY A 121 15.89 3.14 -24.65
C GLY A 121 15.52 2.71 -23.24
N TRP A 122 14.45 1.91 -23.12
CA TRP A 122 13.91 1.42 -21.83
C TRP A 122 14.67 0.18 -21.38
N GLU A 123 15.32 -0.55 -22.28
CA GLU A 123 15.95 -1.86 -21.93
C GLU A 123 17.03 -1.64 -20.86
N ILE A 124 17.32 -2.66 -20.05
CA ILE A 124 18.51 -2.66 -19.17
C ILE A 124 19.74 -2.81 -20.06
N VAL A 125 20.74 -1.96 -19.88
CA VAL A 125 21.95 -1.96 -20.74
C VAL A 125 22.72 -3.26 -20.51
N PRO A 126 23.43 -3.74 -21.55
CA PRO A 126 24.11 -5.04 -21.52
C PRO A 126 25.21 -5.20 -20.45
N GLU A 127 25.89 -4.11 -20.10
CA GLU A 127 26.98 -4.12 -19.10
C GLU A 127 26.46 -4.70 -17.77
N VAL A 128 25.14 -4.64 -17.52
CA VAL A 128 24.51 -5.17 -16.27
C VAL A 128 23.24 -5.97 -16.61
N ALA A 129 23.25 -6.64 -17.76
CA ALA A 129 22.13 -7.46 -18.27
C ALA A 129 21.68 -8.43 -17.17
N PRO A 130 20.36 -8.61 -16.96
CA PRO A 130 19.88 -9.61 -16.02
C PRO A 130 20.14 -11.05 -16.48
N ARG A 131 20.09 -12.02 -15.57
CA ARG A 131 20.05 -13.45 -15.95
C ARG A 131 18.83 -14.12 -15.33
N GLU A 132 18.49 -15.31 -15.80
CA GLU A 132 17.36 -16.10 -15.25
C GLU A 132 17.51 -16.18 -13.73
N GLY A 133 16.39 -16.07 -13.02
CA GLY A 133 16.32 -16.09 -11.54
C GLY A 133 16.59 -14.73 -10.91
N GLU A 134 16.63 -13.66 -11.70
CA GLU A 134 16.82 -12.29 -11.16
C GLU A 134 15.62 -11.43 -11.55
N PRO A 135 14.61 -11.28 -10.67
CA PRO A 135 13.35 -10.64 -11.07
C PRO A 135 13.53 -9.17 -11.46
N ILE A 136 12.84 -8.72 -12.52
CA ILE A 136 12.89 -7.31 -12.98
C ILE A 136 11.60 -6.65 -12.50
N ILE A 137 11.72 -5.53 -11.81
CA ILE A 137 10.55 -4.72 -11.40
C ILE A 137 10.27 -3.72 -12.52
N ASP A 138 9.04 -3.65 -13.01
CA ASP A 138 8.63 -2.55 -13.93
C ASP A 138 7.83 -1.53 -13.12
N LYS A 139 8.39 -0.33 -12.94
CA LYS A 139 7.81 0.69 -12.04
C LYS A 139 7.41 1.94 -12.81
N PRO A 140 6.20 2.48 -12.58
CA PRO A 140 5.78 3.73 -13.21
C PRO A 140 6.28 4.98 -12.48
N GLY A 141 6.93 4.81 -11.33
CA GLY A 141 7.43 5.89 -10.46
C GLY A 141 8.92 5.76 -10.16
N LYS A 142 9.44 6.67 -9.35
CA LYS A 142 10.87 6.74 -8.99
C LYS A 142 11.11 5.64 -7.94
N GLY A 143 10.17 5.47 -6.99
CA GLY A 143 10.29 4.47 -5.91
C GLY A 143 9.94 3.05 -6.40
N ALA A 144 10.77 2.05 -6.13
CA ALA A 144 10.55 0.68 -6.69
C ALA A 144 9.37 -0.04 -6.03
N PHE A 145 8.88 0.47 -4.90
CA PHE A 145 7.80 -0.16 -4.11
C PHE A 145 6.43 0.26 -4.68
N TYR A 146 6.27 1.53 -5.06
CA TYR A 146 4.93 2.04 -5.42
C TYR A 146 4.42 1.40 -6.73
N ALA A 147 3.24 0.76 -6.65
CA ALA A 147 2.46 0.24 -7.80
C ALA A 147 3.20 -0.93 -8.45
N THR A 148 3.98 -1.68 -7.67
CA THR A 148 4.75 -2.87 -8.10
C THR A 148 4.51 -4.02 -7.11
N ASP A 149 5.09 -5.17 -7.40
CA ASP A 149 5.09 -6.37 -6.51
C ASP A 149 6.44 -6.51 -5.80
N LEU A 150 7.26 -5.45 -5.78
CA LEU A 150 8.64 -5.58 -5.22
C LEU A 150 8.54 -6.14 -3.79
N ASP A 151 7.66 -5.57 -2.97
CA ASP A 151 7.62 -5.95 -1.53
C ASP A 151 7.18 -7.42 -1.40
N LEU A 152 6.29 -7.89 -2.29
CA LEU A 152 5.89 -9.33 -2.31
C LEU A 152 7.11 -10.20 -2.65
N LEU A 153 7.92 -9.84 -3.63
CA LEU A 153 9.11 -10.62 -4.05
C LEU A 153 10.07 -10.73 -2.87
N LEU A 154 10.39 -9.59 -2.25
CA LEU A 154 11.35 -9.53 -1.10
C LEU A 154 10.83 -10.34 0.09
N ARG A 155 9.55 -10.16 0.46
CA ARG A 155 8.95 -10.82 1.64
C ARG A 155 8.92 -12.33 1.35
N THR A 156 8.54 -12.76 0.16
CA THR A 156 8.52 -14.21 -0.18
C THR A 156 9.91 -14.85 -0.03
N ARG A 157 10.98 -14.12 -0.36
CA ARG A 157 12.39 -14.61 -0.28
C ARG A 157 12.99 -14.39 1.12
N GLY A 158 12.30 -13.71 2.02
CA GLY A 158 12.79 -13.42 3.39
C GLY A 158 13.93 -12.39 3.40
N ILE A 159 13.96 -11.50 2.43
CA ILE A 159 14.98 -10.41 2.36
C ILE A 159 14.69 -9.40 3.49
N THR A 160 15.73 -9.06 4.26
CA THR A 160 15.77 -8.04 5.35
C THR A 160 16.81 -6.96 5.00
N HIS A 161 17.72 -7.23 4.05
CA HIS A 161 18.93 -6.41 3.76
C HIS A 161 19.01 -6.11 2.25
N LEU A 162 19.15 -4.83 1.88
CA LEU A 162 19.23 -4.35 0.49
C LEU A 162 20.57 -3.63 0.29
N ILE A 163 21.24 -3.95 -0.83
CA ILE A 163 22.42 -3.23 -1.35
C ILE A 163 21.94 -2.52 -2.61
N LEU A 164 22.12 -1.21 -2.67
CA LEU A 164 21.50 -0.34 -3.71
C LEU A 164 22.56 0.18 -4.68
N THR A 165 22.35 -0.12 -5.95
CA THR A 165 23.09 0.47 -7.08
C THR A 165 22.09 1.03 -8.07
N GLY A 166 22.58 1.88 -8.98
CA GLY A 166 21.78 2.36 -10.12
C GLY A 166 21.63 3.85 -10.11
N ILE A 167 20.69 4.34 -10.93
CA ILE A 167 20.59 5.79 -11.25
C ILE A 167 19.13 6.22 -11.29
N THR A 168 18.91 7.48 -10.94
CA THR A 168 19.95 8.37 -10.45
C THR A 168 19.95 8.37 -8.92
N THR A 169 21.06 8.83 -8.34
CA THR A 169 21.36 8.76 -6.89
C THR A 169 20.27 9.47 -6.10
N ASP A 170 19.90 10.66 -6.55
CA ASP A 170 18.97 11.60 -5.85
C ASP A 170 17.52 11.33 -6.25
N VAL A 171 17.25 10.58 -7.33
CA VAL A 171 15.82 10.38 -7.72
C VAL A 171 15.36 8.96 -7.41
N SER A 172 15.53 8.00 -8.32
CA SER A 172 14.97 6.62 -8.21
C SER A 172 15.69 5.86 -7.08
N VAL A 173 17.01 6.00 -6.95
CA VAL A 173 17.75 5.22 -5.91
C VAL A 173 17.31 5.74 -4.53
N HIS A 174 17.37 7.04 -4.29
CA HIS A 174 17.01 7.66 -2.98
C HIS A 174 15.55 7.35 -2.64
N THR A 175 14.65 7.37 -3.61
CA THR A 175 13.20 7.17 -3.32
C THR A 175 13.03 5.74 -2.82
N THR A 176 13.68 4.80 -3.51
CA THR A 176 13.60 3.36 -3.23
C THR A 176 14.21 3.10 -1.84
N MET A 177 15.36 3.69 -1.50
CA MET A 177 16.02 3.51 -0.19
C MET A 177 15.07 4.05 0.88
N ARG A 178 14.47 5.23 0.66
CA ARG A 178 13.59 5.88 1.67
C ARG A 178 12.39 4.99 1.93
N GLU A 179 11.79 4.45 0.86
CA GLU A 179 10.62 3.53 0.96
C GLU A 179 11.05 2.26 1.75
N ALA A 180 12.16 1.62 1.37
CA ALA A 180 12.62 0.33 1.99
C ALA A 180 12.93 0.54 3.48
N ASN A 181 13.65 1.60 3.79
CA ASN A 181 14.03 2.01 5.17
C ASN A 181 12.79 2.12 6.06
N ASP A 182 11.73 2.77 5.58
CA ASP A 182 10.50 3.05 6.38
C ASP A 182 9.83 1.72 6.72
N ARG A 183 9.99 0.74 5.83
CA ARG A 183 9.48 -0.63 6.04
C ARG A 183 10.42 -1.39 7.00
N GLY A 184 11.62 -0.89 7.30
CA GLY A 184 12.56 -1.54 8.22
C GLY A 184 13.62 -2.42 7.53
N TYR A 185 13.69 -2.42 6.20
CA TYR A 185 14.87 -2.92 5.44
C TYR A 185 16.11 -2.14 5.89
N GLU A 186 17.20 -2.88 6.00
CA GLU A 186 18.56 -2.39 6.34
C GLU A 186 19.30 -2.21 5.01
N CYS A 187 19.58 -0.95 4.63
CA CYS A 187 20.01 -0.55 3.28
C CYS A 187 21.43 0.00 3.28
N LEU A 188 22.23 -0.51 2.33
CA LEU A 188 23.53 0.07 1.93
C LEU A 188 23.41 0.68 0.56
N ILE A 189 23.89 1.92 0.38
CA ILE A 189 23.99 2.57 -0.96
C ILE A 189 25.48 2.66 -1.31
N LEU A 190 25.83 2.24 -2.53
CA LEU A 190 27.22 2.25 -3.04
C LEU A 190 27.44 3.56 -3.79
N SER A 191 28.40 4.36 -3.31
CA SER A 191 28.73 5.73 -3.78
C SER A 191 29.26 5.72 -5.22
N ASP A 192 29.98 4.68 -5.64
CA ASP A 192 30.67 4.64 -6.96
C ASP A 192 29.81 3.86 -7.97
N CYS A 193 28.72 3.23 -7.55
CA CYS A 193 27.77 2.48 -8.42
C CYS A 193 26.42 3.21 -8.54
N THR A 194 26.42 4.52 -8.26
CA THR A 194 25.29 5.43 -8.44
C THR A 194 25.81 6.64 -9.21
N GLY A 195 24.95 7.54 -9.66
CA GLY A 195 25.33 8.79 -10.34
C GLY A 195 24.09 9.65 -10.53
N ALA A 196 24.24 10.95 -10.68
CA ALA A 196 23.10 11.89 -10.79
C ALA A 196 23.32 12.81 -12.00
N THR A 197 22.31 13.64 -12.31
CA THR A 197 22.37 14.66 -13.38
C THR A 197 23.23 15.84 -12.90
N ASP A 198 23.65 15.80 -11.62
CA ASP A 198 24.46 16.89 -11.00
C ASP A 198 25.35 16.26 -9.92
N ARG A 199 26.67 16.50 -9.99
CA ARG A 199 27.66 15.96 -9.03
C ARG A 199 27.28 16.40 -7.61
N LYS A 200 26.87 17.65 -7.42
CA LYS A 200 26.57 18.17 -6.05
C LYS A 200 25.35 17.42 -5.48
N HIS A 201 24.38 17.08 -6.32
CA HIS A 201 23.16 16.36 -5.90
C HIS A 201 23.53 14.92 -5.52
N HIS A 202 24.42 14.29 -6.31
CA HIS A 202 25.01 12.95 -6.02
C HIS A 202 25.65 12.98 -4.63
N GLU A 203 26.59 13.90 -4.38
CA GLU A 203 27.34 13.92 -3.09
C GLU A 203 26.36 14.24 -1.96
N ALA A 204 25.44 15.17 -2.18
CA ALA A 204 24.48 15.58 -1.12
C ALA A 204 23.54 14.41 -0.82
N ALA A 205 23.08 13.71 -1.86
CA ALA A 205 22.20 12.53 -1.67
C ALA A 205 22.90 11.52 -0.74
N LEU A 206 24.19 11.28 -0.94
CA LEU A 206 24.97 10.28 -0.13
C LEU A 206 25.13 10.78 1.31
N SER A 207 25.46 12.06 1.55
CA SER A 207 25.70 12.56 2.94
C SER A 207 24.39 12.62 3.72
N MET A 208 23.25 12.80 3.05
CA MET A 208 21.91 12.81 3.70
C MET A 208 21.71 11.49 4.45
N VAL A 209 22.21 10.40 3.89
CA VAL A 209 22.06 9.01 4.42
C VAL A 209 22.78 8.91 5.77
N THR A 210 23.92 9.59 5.93
CA THR A 210 24.89 9.40 7.04
C THR A 210 24.49 10.16 8.30
N MET A 211 23.48 11.02 8.26
CA MET A 211 23.07 11.86 9.41
C MET A 211 22.32 11.04 10.44
N GLN A 212 22.26 11.55 11.68
CA GLN A 212 21.47 11.02 12.82
C GLN A 212 21.85 9.55 13.08
N GLY A 213 23.12 9.20 12.89
CA GLY A 213 23.65 7.82 13.03
C GLY A 213 23.25 6.91 11.87
N GLY A 214 22.85 7.46 10.72
CA GLY A 214 22.58 6.69 9.50
C GLY A 214 21.09 6.63 9.24
N VAL A 215 20.47 7.80 9.05
CA VAL A 215 18.99 7.97 9.12
C VAL A 215 18.35 7.01 8.11
N PHE A 216 18.93 6.84 6.92
CA PHE A 216 18.35 5.95 5.86
C PHE A 216 19.14 4.65 5.66
N GLY A 217 20.20 4.43 6.43
CA GLY A 217 21.14 3.30 6.25
C GLY A 217 22.58 3.80 6.27
N ALA A 218 23.43 3.28 5.39
CA ALA A 218 24.86 3.64 5.31
C ALA A 218 25.29 3.73 3.86
N THR A 219 26.39 4.46 3.61
CA THR A 219 27.07 4.58 2.30
C THR A 219 28.35 3.75 2.37
N ALA A 220 28.80 3.21 1.24
CA ALA A 220 30.11 2.54 1.10
C ALA A 220 30.59 2.68 -0.34
N HIS A 221 31.90 2.58 -0.55
CA HIS A 221 32.50 2.37 -1.90
C HIS A 221 32.34 0.88 -2.19
N SER A 222 32.19 0.48 -3.44
CA SER A 222 32.08 -0.95 -3.84
C SER A 222 33.31 -1.73 -3.33
N ASP A 223 34.50 -1.11 -3.30
CA ASP A 223 35.73 -1.76 -2.76
C ASP A 223 35.44 -2.32 -1.36
N ASP A 224 34.74 -1.56 -0.51
CA ASP A 224 34.49 -1.95 0.90
C ASP A 224 33.50 -3.13 0.92
N LEU A 225 32.49 -3.12 0.04
CA LEU A 225 31.58 -4.29 -0.04
C LEU A 225 32.40 -5.51 -0.50
N LEU A 226 33.14 -5.38 -1.59
CA LEU A 226 33.91 -6.50 -2.16
C LEU A 226 34.91 -7.00 -1.11
N ALA A 227 35.54 -6.12 -0.34
CA ALA A 227 36.44 -6.55 0.74
C ALA A 227 35.63 -7.41 1.73
N ALA A 228 34.42 -6.99 2.12
CA ALA A 228 33.53 -7.75 3.03
C ALA A 228 33.16 -9.10 2.42
N LEU A 229 32.89 -9.12 1.12
CA LEU A 229 32.47 -10.35 0.39
C LEU A 229 33.67 -11.28 0.19
N GLY A 230 34.89 -10.84 0.56
CA GLY A 230 36.10 -11.68 0.40
C GLY A 230 36.79 -12.03 1.70
N MET B 4 -25.73 10.20 -21.98
CA MET B 4 -24.32 10.62 -21.61
C MET B 4 -24.11 10.67 -20.08
N ILE B 5 -25.13 11.00 -19.26
CA ILE B 5 -25.21 10.59 -17.81
C ILE B 5 -26.42 9.65 -17.63
N TYR B 6 -26.21 8.48 -17.00
CA TYR B 6 -27.24 7.42 -16.88
C TYR B 6 -27.87 7.42 -15.49
N SER B 7 -29.11 6.94 -15.44
CA SER B 7 -29.90 6.80 -14.20
C SER B 7 -29.33 5.63 -13.40
N THR B 8 -29.93 5.37 -12.24
CA THR B 8 -29.58 4.26 -11.31
C THR B 8 -29.98 2.91 -11.92
N VAL B 9 -29.31 1.85 -11.47
CA VAL B 9 -29.68 0.48 -11.84
C VAL B 9 -30.60 -0.06 -10.76
N ASN B 10 -31.66 -0.77 -11.15
CA ASN B 10 -32.51 -1.53 -10.20
C ASN B 10 -31.64 -2.64 -9.57
N ALA B 11 -31.36 -2.54 -8.27
CA ALA B 11 -30.28 -3.30 -7.60
C ALA B 11 -30.69 -3.67 -6.18
N ASN B 12 -29.97 -4.60 -5.58
CA ASN B 12 -30.22 -5.08 -4.21
C ASN B 12 -28.98 -4.72 -3.39
N PRO B 13 -29.13 -3.95 -2.28
CA PRO B 13 -30.44 -3.55 -1.74
C PRO B 13 -30.90 -2.10 -2.00
N TYR B 14 -30.17 -1.33 -2.80
CA TYR B 14 -30.53 0.06 -3.15
C TYR B 14 -30.36 0.25 -4.64
N ALA B 15 -31.08 1.22 -5.20
CA ALA B 15 -30.92 1.73 -6.57
C ALA B 15 -29.47 2.26 -6.74
N TRP B 16 -28.64 1.58 -7.51
CA TRP B 16 -27.17 1.77 -7.52
C TRP B 16 -26.84 2.72 -8.66
N PRO B 17 -25.88 3.67 -8.52
CA PRO B 17 -25.12 3.86 -7.29
C PRO B 17 -25.77 4.85 -6.30
N TYR B 18 -25.14 5.01 -5.13
CA TYR B 18 -25.67 5.82 -4.00
C TYR B 18 -25.84 7.30 -4.36
N ASP B 19 -25.10 7.87 -5.32
CA ASP B 19 -25.14 9.33 -5.67
C ASP B 19 -26.13 9.57 -6.82
N GLY B 20 -26.79 8.53 -7.32
CA GLY B 20 -28.04 8.65 -8.10
C GLY B 20 -27.84 8.65 -9.60
N SER B 21 -26.59 8.54 -10.09
CA SER B 21 -26.26 8.53 -11.54
C SER B 21 -24.89 7.88 -11.83
N ILE B 22 -24.77 7.31 -13.02
CA ILE B 22 -23.56 6.64 -13.56
C ILE B 22 -22.97 7.56 -14.62
N ASP B 23 -21.79 8.10 -14.34
CA ASP B 23 -20.99 8.85 -15.34
C ASP B 23 -19.89 7.96 -15.94
N PRO B 24 -19.93 7.68 -17.27
CA PRO B 24 -18.91 6.88 -17.93
C PRO B 24 -17.48 7.38 -17.72
N ALA B 25 -17.30 8.71 -17.59
CA ALA B 25 -15.97 9.34 -17.34
C ALA B 25 -15.47 9.03 -15.92
N HIS B 26 -16.29 8.46 -15.03
CA HIS B 26 -15.88 8.10 -13.64
C HIS B 26 -16.23 6.66 -13.27
N THR B 27 -16.58 5.83 -14.26
CA THR B 27 -17.02 4.42 -14.09
C THR B 27 -16.12 3.50 -14.90
N ALA B 28 -15.78 2.35 -14.30
CA ALA B 28 -14.98 1.28 -14.90
C ALA B 28 -15.73 -0.03 -14.78
N LEU B 29 -15.84 -0.73 -15.89
CA LEU B 29 -16.25 -2.15 -15.92
C LEU B 29 -14.99 -2.96 -15.64
N ILE B 30 -15.02 -3.85 -14.65
CA ILE B 30 -13.87 -4.76 -14.39
C ILE B 30 -14.26 -6.16 -14.85
N LEU B 31 -13.43 -6.78 -15.67
CA LEU B 31 -13.53 -8.21 -16.02
C LEU B 31 -12.44 -9.01 -15.29
N ILE B 32 -12.83 -9.78 -14.28
CA ILE B 32 -11.87 -10.45 -13.36
C ILE B 32 -11.66 -11.92 -13.77
N ASP B 33 -10.51 -12.22 -14.36
CA ASP B 33 -9.90 -13.58 -14.30
C ASP B 33 -10.72 -14.54 -15.18
N TRP B 34 -11.19 -14.04 -16.33
CA TRP B 34 -11.88 -14.83 -17.37
C TRP B 34 -10.83 -15.62 -18.16
N GLN B 35 -10.24 -16.63 -17.52
CA GLN B 35 -9.09 -17.40 -18.03
C GLN B 35 -9.45 -18.89 -18.04
N ILE B 36 -8.92 -19.65 -18.99
CA ILE B 36 -9.15 -21.12 -19.03
C ILE B 36 -8.87 -21.72 -17.64
N ASP B 37 -7.86 -21.21 -16.93
CA ASP B 37 -7.48 -21.75 -15.58
C ASP B 37 -8.70 -21.72 -14.66
N PHE B 38 -9.65 -20.81 -14.88
CA PHE B 38 -10.83 -20.69 -13.98
C PHE B 38 -12.11 -21.21 -14.65
N CYS B 39 -12.21 -21.27 -15.97
CA CYS B 39 -13.51 -21.62 -16.62
C CYS B 39 -13.36 -22.56 -17.82
N GLY B 40 -12.17 -23.12 -18.07
CA GLY B 40 -11.91 -23.89 -19.30
C GLY B 40 -11.41 -25.31 -19.03
N PRO B 41 -11.67 -26.25 -19.99
CA PRO B 41 -11.11 -27.60 -19.90
C PRO B 41 -9.58 -27.58 -19.85
N GLY B 42 -9.00 -28.42 -18.98
CA GLY B 42 -7.56 -28.71 -18.93
C GLY B 42 -6.82 -27.82 -17.95
N GLY B 43 -7.50 -26.81 -17.41
CA GLY B 43 -6.88 -25.75 -16.58
C GLY B 43 -7.00 -26.05 -15.09
N TYR B 44 -6.67 -25.06 -14.25
CA TYR B 44 -6.51 -25.18 -12.77
C TYR B 44 -7.78 -25.74 -12.11
N VAL B 45 -8.92 -25.05 -12.30
CA VAL B 45 -10.22 -25.38 -11.65
C VAL B 45 -10.69 -26.77 -12.13
N ASP B 46 -10.61 -27.00 -13.43
CA ASP B 46 -10.92 -28.31 -14.08
C ASP B 46 -10.07 -29.41 -13.44
N SER B 47 -8.76 -29.21 -13.28
CA SER B 47 -7.84 -30.23 -12.74
C SER B 47 -8.14 -30.49 -11.27
N MET B 48 -8.80 -29.57 -10.55
CA MET B 48 -9.20 -29.80 -9.14
C MET B 48 -10.56 -30.51 -9.06
N GLY B 49 -11.21 -30.83 -10.19
CA GLY B 49 -12.48 -31.56 -10.21
C GLY B 49 -13.72 -30.68 -10.10
N TYR B 50 -13.63 -29.35 -10.16
CA TYR B 50 -14.85 -28.49 -10.05
C TYR B 50 -15.61 -28.40 -11.38
N ASP B 51 -16.91 -28.11 -11.25
CA ASP B 51 -17.90 -28.07 -12.36
C ASP B 51 -17.72 -26.76 -13.14
N LEU B 52 -17.18 -26.81 -14.36
CA LEU B 52 -16.88 -25.61 -15.20
C LEU B 52 -18.17 -24.91 -15.63
N SER B 53 -19.32 -25.58 -15.68
CA SER B 53 -20.61 -24.95 -16.08
C SER B 53 -21.00 -23.84 -15.09
N LEU B 54 -20.54 -23.94 -13.83
CA LEU B 54 -20.82 -22.93 -12.77
C LEU B 54 -20.11 -21.60 -13.07
N THR B 55 -18.93 -21.63 -13.72
CA THR B 55 -18.16 -20.40 -14.07
C THR B 55 -18.54 -19.93 -15.48
N ARG B 56 -18.67 -20.86 -16.43
CA ARG B 56 -18.84 -20.56 -17.88
C ARG B 56 -20.18 -19.84 -18.14
N SER B 57 -21.21 -19.97 -17.29
CA SER B 57 -22.56 -19.38 -17.50
C SER B 57 -22.47 -17.85 -17.56
N GLY B 58 -21.47 -17.27 -16.90
CA GLY B 58 -21.23 -15.83 -16.82
C GLY B 58 -20.71 -15.21 -18.12
N LEU B 59 -20.18 -16.01 -19.04
CA LEU B 59 -19.36 -15.54 -20.19
C LEU B 59 -20.17 -14.70 -21.18
N GLU B 60 -21.26 -15.26 -21.68
CA GLU B 60 -22.03 -14.58 -22.73
C GLU B 60 -22.70 -13.34 -22.14
N PRO B 61 -23.26 -13.38 -20.90
CA PRO B 61 -23.74 -12.14 -20.30
C PRO B 61 -22.60 -11.11 -20.18
N THR B 62 -21.40 -11.52 -19.80
CA THR B 62 -20.26 -10.58 -19.66
C THR B 62 -19.95 -9.96 -21.04
N ALA B 63 -19.91 -10.76 -22.11
CA ALA B 63 -19.60 -10.26 -23.48
C ALA B 63 -20.57 -9.09 -23.83
N ARG B 64 -21.87 -9.23 -23.51
CA ARG B 64 -22.95 -8.23 -23.76
C ARG B 64 -22.67 -6.96 -22.96
N VAL B 65 -22.31 -7.09 -21.69
CA VAL B 65 -21.98 -5.95 -20.80
C VAL B 65 -20.68 -5.28 -21.29
N LEU B 66 -19.72 -6.04 -21.82
CA LEU B 66 -18.46 -5.44 -22.34
C LEU B 66 -18.76 -4.58 -23.58
N ALA B 67 -19.65 -5.02 -24.48
CA ALA B 67 -20.06 -4.24 -25.66
C ALA B 67 -20.78 -2.95 -25.20
N ALA B 68 -21.65 -3.02 -24.20
CA ALA B 68 -22.40 -1.83 -23.70
C ALA B 68 -21.40 -0.83 -23.11
N ALA B 69 -20.35 -1.31 -22.42
CA ALA B 69 -19.33 -0.44 -21.79
C ALA B 69 -18.49 0.23 -22.89
N ARG B 70 -18.17 -0.51 -23.95
CA ARG B 70 -17.37 0.01 -25.09
C ARG B 70 -18.24 1.09 -25.78
N ASP B 71 -19.55 0.83 -25.96
CA ASP B 71 -20.55 1.75 -26.58
C ASP B 71 -20.71 3.03 -25.76
N THR B 72 -20.64 2.96 -24.44
CA THR B 72 -20.87 4.14 -23.58
C THR B 72 -19.55 4.88 -23.31
N GLY B 73 -18.40 4.32 -23.65
CA GLY B 73 -17.08 4.92 -23.36
C GLY B 73 -16.77 4.93 -21.86
N MET B 74 -17.33 3.98 -21.10
CA MET B 74 -16.84 3.56 -19.75
C MET B 74 -15.36 3.18 -19.84
N THR B 75 -14.53 3.31 -18.81
CA THR B 75 -13.22 2.59 -18.87
C THR B 75 -13.49 1.09 -18.65
N VAL B 76 -12.65 0.27 -19.27
CA VAL B 76 -12.69 -1.21 -19.16
C VAL B 76 -11.33 -1.69 -18.68
N ILE B 77 -11.31 -2.45 -17.61
CA ILE B 77 -10.05 -3.03 -17.05
C ILE B 77 -10.25 -4.53 -16.90
N HIS B 78 -9.26 -5.29 -17.40
CA HIS B 78 -9.25 -6.78 -17.34
C HIS B 78 -8.24 -7.22 -16.27
N THR B 79 -8.49 -8.35 -15.61
CA THR B 79 -7.49 -8.91 -14.67
C THR B 79 -7.16 -10.34 -15.07
N ARG B 80 -5.91 -10.74 -14.85
CA ARG B 80 -5.43 -12.12 -15.01
C ARG B 80 -4.72 -12.50 -13.72
N GLU B 81 -5.22 -13.52 -13.03
CA GLU B 81 -4.45 -14.08 -11.88
C GLU B 81 -3.35 -14.94 -12.46
N GLY B 82 -2.13 -14.79 -11.96
CA GLY B 82 -0.97 -15.49 -12.51
C GLY B 82 0.35 -15.08 -11.89
N HIS B 83 1.38 -15.84 -12.21
CA HIS B 83 2.73 -15.70 -11.61
C HIS B 83 3.78 -15.44 -12.68
N ARG B 84 4.75 -14.59 -12.36
CA ARG B 84 6.02 -14.48 -13.07
C ARG B 84 6.43 -15.91 -13.38
N PRO B 85 6.90 -16.21 -14.62
CA PRO B 85 7.42 -17.54 -14.94
C PRO B 85 8.46 -18.10 -13.97
N ASP B 86 9.30 -17.26 -13.32
CA ASP B 86 10.32 -17.73 -12.36
C ASP B 86 9.67 -18.04 -11.01
N LEU B 87 8.37 -17.74 -10.84
CA LEU B 87 7.55 -17.98 -9.62
C LEU B 87 8.04 -17.17 -8.40
N ALA B 88 8.66 -16.02 -8.61
CA ALA B 88 9.23 -15.22 -7.49
C ALA B 88 8.08 -14.52 -6.74
N ASP B 89 6.89 -14.42 -7.35
CA ASP B 89 5.68 -13.83 -6.72
C ASP B 89 4.73 -14.93 -6.21
N LEU B 90 5.20 -16.14 -5.90
CA LEU B 90 4.30 -17.25 -5.46
C LEU B 90 4.55 -17.58 -4.00
N PRO B 91 3.67 -17.19 -3.05
CA PRO B 91 3.82 -17.63 -1.66
C PRO B 91 3.83 -19.15 -1.57
N PRO B 92 4.68 -19.74 -0.68
CA PRO B 92 4.75 -21.18 -0.52
C PRO B 92 3.41 -21.77 -0.05
N ASN B 93 2.62 -21.05 0.77
CA ASN B 93 1.33 -21.63 1.19
C ASN B 93 0.45 -21.79 -0.06
N LYS B 94 0.31 -20.75 -0.89
CA LYS B 94 -0.48 -20.85 -2.13
C LYS B 94 0.02 -22.07 -2.95
N ARG B 95 1.33 -22.18 -3.17
CA ARG B 95 1.91 -23.29 -3.98
C ARG B 95 1.50 -24.63 -3.38
N TRP B 96 1.63 -24.79 -2.08
CA TRP B 96 1.45 -26.07 -1.36
C TRP B 96 -0.01 -26.53 -1.48
N ARG B 97 -0.96 -25.60 -1.25
CA ARG B 97 -2.42 -25.87 -1.38
C ARG B 97 -2.75 -26.30 -2.81
N SER B 98 -2.21 -25.61 -3.83
CA SER B 98 -2.45 -25.95 -5.25
C SER B 98 -1.96 -27.40 -5.53
N ALA B 99 -0.83 -27.82 -4.97
CA ALA B 99 -0.31 -29.21 -5.08
C ALA B 99 -1.23 -30.18 -4.33
N SER B 100 -1.63 -29.79 -3.11
CA SER B 100 -2.59 -30.55 -2.28
C SER B 100 -3.91 -30.78 -3.02
N ALA B 101 -4.39 -29.82 -3.82
CA ALA B 101 -5.67 -29.89 -4.55
C ALA B 101 -5.50 -30.58 -5.92
N GLY B 102 -4.29 -31.05 -6.24
CA GLY B 102 -4.00 -31.86 -7.45
C GLY B 102 -3.76 -31.03 -8.70
N ALA B 103 -3.41 -29.75 -8.57
CA ALA B 103 -3.22 -28.80 -9.69
C ALA B 103 -2.19 -27.73 -9.30
N GLU B 104 -0.95 -28.14 -9.11
CA GLU B 104 0.14 -27.30 -8.54
C GLU B 104 0.47 -26.17 -9.51
N ILE B 105 0.44 -24.94 -8.99
CA ILE B 105 0.86 -23.73 -9.75
C ILE B 105 2.28 -23.98 -10.26
N GLY B 106 2.52 -23.73 -11.55
CA GLY B 106 3.85 -23.92 -12.17
C GLY B 106 4.04 -25.32 -12.74
N SER B 107 3.16 -26.27 -12.41
CA SER B 107 3.23 -27.67 -12.92
C SER B 107 2.59 -27.74 -14.31
N VAL B 108 3.06 -28.67 -15.14
CA VAL B 108 2.60 -28.79 -16.55
C VAL B 108 1.27 -29.56 -16.54
N GLY B 109 0.21 -28.94 -17.02
CA GLY B 109 -1.08 -29.62 -17.28
C GLY B 109 -1.41 -29.55 -18.76
N PRO B 110 -2.60 -30.02 -19.18
CA PRO B 110 -2.99 -29.96 -20.60
C PRO B 110 -2.87 -28.56 -21.24
N CYS B 111 -2.89 -27.45 -20.48
CA CYS B 111 -2.90 -26.06 -21.03
C CYS B 111 -1.64 -25.29 -20.61
N GLY B 112 -0.54 -26.02 -20.39
CA GLY B 112 0.77 -25.46 -20.07
C GLY B 112 0.94 -25.39 -18.57
N ARG B 113 1.75 -24.46 -18.11
CA ARG B 113 2.08 -24.38 -16.68
C ARG B 113 0.95 -23.62 -15.99
N ILE B 114 0.37 -24.26 -14.98
CA ILE B 114 -0.84 -23.81 -14.26
C ILE B 114 -0.55 -22.42 -13.64
N LEU B 115 -1.41 -21.44 -13.96
CA LEU B 115 -1.43 -20.04 -13.45
C LEU B 115 -0.08 -19.33 -13.68
N VAL B 116 0.66 -19.69 -14.72
CA VAL B 116 1.92 -18.98 -15.08
C VAL B 116 1.61 -18.00 -16.23
N ARG B 117 2.11 -16.77 -16.14
CA ARG B 117 1.92 -15.73 -17.19
C ARG B 117 2.54 -16.21 -18.49
N GLY B 118 1.89 -15.93 -19.62
CA GLY B 118 2.32 -16.39 -20.96
C GLY B 118 1.79 -17.77 -21.36
N GLU B 119 1.15 -18.55 -20.47
CA GLU B 119 0.71 -19.94 -20.78
C GLU B 119 -0.70 -19.91 -21.35
N PRO B 120 -1.07 -20.85 -22.27
CA PRO B 120 -2.44 -20.95 -22.79
C PRO B 120 -3.59 -20.89 -21.77
N GLY B 121 -3.47 -21.61 -20.65
CA GLY B 121 -4.50 -21.65 -19.59
C GLY B 121 -4.65 -20.33 -18.84
N TRP B 122 -3.61 -19.51 -18.85
CA TRP B 122 -3.58 -18.20 -18.17
C TRP B 122 -4.24 -17.13 -19.04
N GLU B 123 -4.32 -17.32 -20.38
CA GLU B 123 -4.81 -16.25 -21.30
C GLU B 123 -6.26 -15.89 -20.95
N ILE B 124 -6.67 -14.65 -21.20
CA ILE B 124 -8.10 -14.27 -21.20
C ILE B 124 -8.78 -15.03 -22.35
N VAL B 125 -9.96 -15.62 -22.10
CA VAL B 125 -10.70 -16.40 -23.15
C VAL B 125 -11.17 -15.45 -24.26
N PRO B 126 -11.25 -15.93 -25.53
CA PRO B 126 -11.66 -15.11 -26.68
C PRO B 126 -12.99 -14.37 -26.53
N GLU B 127 -13.95 -15.01 -25.86
CA GLU B 127 -15.32 -14.47 -25.65
C GLU B 127 -15.25 -13.04 -25.08
N VAL B 128 -14.22 -12.71 -24.29
CA VAL B 128 -14.12 -11.37 -23.65
C VAL B 128 -12.72 -10.79 -23.86
N ALA B 129 -12.17 -10.90 -25.06
CA ALA B 129 -10.77 -10.49 -25.34
C ALA B 129 -10.66 -9.00 -25.06
N PRO B 130 -9.54 -8.52 -24.45
CA PRO B 130 -9.32 -7.10 -24.30
C PRO B 130 -8.92 -6.40 -25.60
N ARG B 131 -9.12 -5.10 -25.68
CA ARG B 131 -8.58 -4.33 -26.82
C ARG B 131 -7.72 -3.20 -26.25
N GLU B 132 -6.86 -2.68 -27.10
CA GLU B 132 -6.01 -1.51 -26.79
C GLU B 132 -6.87 -0.47 -26.04
N GLY B 133 -6.31 0.10 -24.97
CA GLY B 133 -6.96 1.14 -24.16
C GLY B 133 -7.77 0.57 -23.01
N GLU B 134 -7.81 -0.75 -22.87
CA GLU B 134 -8.45 -1.46 -21.71
C GLU B 134 -7.36 -2.14 -20.89
N PRO B 135 -6.73 -1.45 -19.91
CA PRO B 135 -5.54 -2.00 -19.24
C PRO B 135 -5.82 -3.35 -18.59
N ILE B 136 -4.82 -4.21 -18.66
CA ILE B 136 -4.86 -5.57 -18.06
C ILE B 136 -4.02 -5.47 -16.79
N ILE B 137 -4.60 -5.96 -15.69
CA ILE B 137 -3.86 -6.12 -14.41
C ILE B 137 -3.37 -7.56 -14.37
N ASP B 138 -2.08 -7.76 -14.14
CA ASP B 138 -1.52 -9.10 -13.85
C ASP B 138 -1.32 -9.19 -12.34
N LYS B 139 -2.15 -9.99 -11.66
CA LYS B 139 -2.16 -10.02 -10.18
C LYS B 139 -1.63 -11.38 -9.72
N PRO B 140 -0.70 -11.41 -8.72
CA PRO B 140 -0.28 -12.67 -8.10
C PRO B 140 -1.22 -13.18 -7.00
N GLY B 141 -2.23 -12.37 -6.68
CA GLY B 141 -3.21 -12.67 -5.60
C GLY B 141 -4.63 -12.70 -6.15
N LYS B 142 -5.57 -12.94 -5.26
CA LYS B 142 -7.03 -12.94 -5.51
C LYS B 142 -7.52 -11.51 -5.71
N GLY B 143 -7.08 -10.59 -4.84
CA GLY B 143 -7.40 -9.17 -4.86
C GLY B 143 -6.61 -8.48 -5.95
N ALA B 144 -7.28 -7.71 -6.82
CA ALA B 144 -6.62 -6.99 -7.94
C ALA B 144 -5.82 -5.78 -7.50
N PHE B 145 -5.97 -5.32 -6.25
CA PHE B 145 -5.25 -4.12 -5.75
C PHE B 145 -3.85 -4.52 -5.27
N TYR B 146 -3.70 -5.72 -4.68
CA TYR B 146 -2.45 -6.08 -3.96
C TYR B 146 -1.35 -6.41 -4.98
N ALA B 147 -0.22 -5.70 -4.87
CA ALA B 147 1.02 -5.91 -5.63
C ALA B 147 0.80 -5.60 -7.10
N THR B 148 -0.10 -4.67 -7.41
CA THR B 148 -0.36 -4.19 -8.79
C THR B 148 -0.39 -2.66 -8.85
N ASP B 149 -0.55 -2.14 -10.05
CA ASP B 149 -0.72 -0.69 -10.35
C ASP B 149 -2.18 -0.31 -10.53
N LEU B 150 -3.14 -1.21 -10.28
CA LEU B 150 -4.60 -0.94 -10.45
C LEU B 150 -5.00 0.43 -9.89
N ASP B 151 -4.71 0.71 -8.62
CA ASP B 151 -5.20 1.96 -7.95
C ASP B 151 -4.60 3.17 -8.67
N LEU B 152 -3.34 3.08 -9.09
CA LEU B 152 -2.72 4.13 -9.92
C LEU B 152 -3.49 4.26 -11.25
N LEU B 153 -3.83 3.16 -11.93
CA LEU B 153 -4.62 3.28 -13.20
C LEU B 153 -5.97 3.96 -12.92
N LEU B 154 -6.65 3.59 -11.84
CA LEU B 154 -8.03 4.11 -11.56
C LEU B 154 -7.97 5.59 -11.15
N ARG B 155 -7.02 5.95 -10.30
CA ARG B 155 -6.88 7.34 -9.80
C ARG B 155 -6.48 8.25 -10.95
N THR B 156 -5.60 7.87 -11.87
CA THR B 156 -5.16 8.83 -12.92
C THR B 156 -6.33 9.02 -13.92
N ARG B 157 -7.23 8.04 -14.07
CA ARG B 157 -8.46 8.17 -14.92
C ARG B 157 -9.61 8.84 -14.15
N GLY B 158 -9.45 9.14 -12.85
CA GLY B 158 -10.53 9.70 -12.01
C GLY B 158 -11.72 8.76 -11.82
N ILE B 159 -11.48 7.45 -11.78
CA ILE B 159 -12.58 6.46 -11.55
C ILE B 159 -13.02 6.47 -10.06
N THR B 160 -14.32 6.49 -9.82
CA THR B 160 -14.94 6.46 -8.48
C THR B 160 -15.97 5.31 -8.37
N HIS B 161 -16.37 4.70 -9.50
CA HIS B 161 -17.47 3.70 -9.61
C HIS B 161 -16.96 2.49 -10.40
N LEU B 162 -17.19 1.28 -9.89
CA LEU B 162 -16.69 0.01 -10.50
C LEU B 162 -17.92 -0.85 -10.72
N ILE B 163 -18.03 -1.48 -11.88
CA ILE B 163 -18.98 -2.60 -12.13
C ILE B 163 -18.15 -3.87 -12.29
N LEU B 164 -18.42 -4.93 -11.51
CA LEU B 164 -17.58 -6.16 -11.42
C LEU B 164 -18.31 -7.30 -12.10
N THR B 165 -17.61 -7.92 -13.04
CA THR B 165 -17.89 -9.23 -13.65
C THR B 165 -16.65 -10.07 -13.46
N GLY B 166 -16.80 -11.37 -13.58
CA GLY B 166 -15.66 -12.29 -13.63
C GLY B 166 -15.83 -13.42 -12.66
N ILE B 167 -14.73 -14.13 -12.40
CA ILE B 167 -14.74 -15.40 -11.61
C ILE B 167 -13.50 -15.46 -10.71
N THR B 168 -13.62 -16.13 -9.57
CA THR B 168 -14.88 -16.64 -9.08
C THR B 168 -15.51 -15.65 -8.09
N THR B 169 -16.82 -15.78 -7.87
CA THR B 169 -17.64 -14.79 -7.14
C THR B 169 -17.09 -14.60 -5.71
N ASP B 170 -16.77 -15.72 -5.03
CA ASP B 170 -16.41 -15.70 -3.61
C ASP B 170 -14.90 -15.46 -3.46
N VAL B 171 -14.10 -15.55 -4.54
CA VAL B 171 -12.61 -15.52 -4.40
C VAL B 171 -12.09 -14.21 -4.98
N SER B 172 -11.70 -14.15 -6.26
CA SER B 172 -11.05 -12.95 -6.84
C SER B 172 -12.07 -11.81 -6.99
N VAL B 173 -13.33 -12.08 -7.34
CA VAL B 173 -14.33 -10.96 -7.49
C VAL B 173 -14.61 -10.35 -6.12
N HIS B 174 -14.92 -11.15 -5.11
CA HIS B 174 -15.24 -10.67 -3.73
C HIS B 174 -14.02 -9.97 -3.13
N THR B 175 -12.81 -10.52 -3.31
CA THR B 175 -11.59 -9.90 -2.72
C THR B 175 -11.45 -8.49 -3.31
N THR B 176 -11.54 -8.38 -4.63
CA THR B 176 -11.36 -7.11 -5.37
C THR B 176 -12.45 -6.12 -4.94
N MET B 177 -13.69 -6.57 -4.81
CA MET B 177 -14.82 -5.71 -4.37
C MET B 177 -14.55 -5.18 -2.97
N ARG B 178 -14.14 -6.05 -2.06
CA ARG B 178 -13.85 -5.69 -0.65
C ARG B 178 -12.71 -4.66 -0.55
N GLU B 179 -11.54 -4.90 -1.18
CA GLU B 179 -10.41 -3.93 -1.31
C GLU B 179 -10.91 -2.58 -1.89
N ALA B 180 -11.64 -2.63 -3.01
CA ALA B 180 -12.15 -1.39 -3.69
C ALA B 180 -13.06 -0.66 -2.70
N ASN B 181 -13.96 -1.40 -2.08
CA ASN B 181 -14.99 -0.79 -1.18
C ASN B 181 -14.30 -0.04 -0.02
N ASP B 182 -13.29 -0.63 0.61
CA ASP B 182 -12.56 -0.02 1.74
C ASP B 182 -11.89 1.29 1.29
N ARG B 183 -11.47 1.38 0.03
CA ARG B 183 -10.84 2.62 -0.51
C ARG B 183 -11.90 3.68 -0.84
N GLY B 184 -13.19 3.37 -0.83
CA GLY B 184 -14.25 4.38 -1.11
C GLY B 184 -14.87 4.25 -2.48
N TYR B 185 -14.39 3.34 -3.33
CA TYR B 185 -15.03 3.00 -4.62
C TYR B 185 -16.44 2.50 -4.34
N GLU B 186 -17.36 2.89 -5.24
CA GLU B 186 -18.79 2.49 -5.22
C GLU B 186 -18.95 1.34 -6.23
N CYS B 187 -19.22 0.14 -5.74
CA CYS B 187 -19.14 -1.08 -6.55
C CYS B 187 -20.52 -1.71 -6.77
N LEU B 188 -20.73 -2.13 -8.02
CA LEU B 188 -21.86 -3.03 -8.41
C LEU B 188 -21.31 -4.38 -8.85
N ILE B 189 -21.93 -5.46 -8.37
CA ILE B 189 -21.58 -6.84 -8.79
C ILE B 189 -22.79 -7.43 -9.54
N LEU B 190 -22.51 -8.01 -10.71
CA LEU B 190 -23.55 -8.50 -11.63
C LEU B 190 -23.69 -9.99 -11.42
N SER B 191 -24.87 -10.38 -10.94
CA SER B 191 -25.21 -11.73 -10.44
C SER B 191 -25.03 -12.78 -11.53
N ASP B 192 -25.29 -12.43 -12.79
CA ASP B 192 -25.34 -13.38 -13.93
C ASP B 192 -24.00 -13.38 -14.70
N CYS B 193 -23.09 -12.45 -14.38
CA CYS B 193 -21.75 -12.31 -15.03
C CYS B 193 -20.62 -12.73 -14.08
N THR B 194 -20.98 -13.47 -13.04
CA THR B 194 -20.05 -14.06 -12.06
C THR B 194 -20.44 -15.55 -11.93
N GLY B 195 -19.63 -16.35 -11.24
CA GLY B 195 -19.87 -17.77 -10.98
C GLY B 195 -18.79 -18.28 -10.07
N ALA B 196 -19.05 -19.38 -9.39
CA ALA B 196 -18.11 -19.93 -8.37
C ALA B 196 -17.94 -21.44 -8.55
N THR B 197 -17.03 -22.02 -7.76
CA THR B 197 -16.77 -23.47 -7.75
C THR B 197 -17.92 -24.19 -7.04
N ASP B 198 -18.82 -23.44 -6.39
CA ASP B 198 -20.00 -23.97 -5.66
C ASP B 198 -21.13 -22.97 -5.82
N ARG B 199 -22.30 -23.42 -6.27
CA ARG B 199 -23.47 -22.53 -6.51
C ARG B 199 -23.90 -21.88 -5.19
N LYS B 200 -23.86 -22.61 -4.07
CA LYS B 200 -24.26 -22.02 -2.75
C LYS B 200 -23.29 -20.91 -2.32
N HIS B 201 -22.00 -21.03 -2.64
CA HIS B 201 -20.98 -19.97 -2.39
C HIS B 201 -21.24 -18.75 -3.28
N HIS B 202 -21.62 -18.98 -4.55
CA HIS B 202 -21.97 -17.88 -5.48
C HIS B 202 -23.13 -17.10 -4.84
N GLU B 203 -24.19 -17.79 -4.43
CA GLU B 203 -25.42 -17.17 -3.89
C GLU B 203 -25.10 -16.39 -2.61
N ALA B 204 -24.37 -17.01 -1.67
CA ALA B 204 -24.03 -16.44 -0.34
C ALA B 204 -23.11 -15.24 -0.53
N ALA B 205 -22.19 -15.29 -1.48
CA ALA B 205 -21.30 -14.14 -1.77
C ALA B 205 -22.15 -12.94 -2.25
N LEU B 206 -23.15 -13.13 -3.10
CA LEU B 206 -24.02 -11.99 -3.55
C LEU B 206 -24.83 -11.46 -2.38
N SER B 207 -25.37 -12.39 -1.60
CA SER B 207 -26.16 -12.15 -0.38
C SER B 207 -25.36 -11.32 0.63
N MET B 208 -24.10 -11.68 0.88
CA MET B 208 -23.20 -10.95 1.83
C MET B 208 -23.14 -9.45 1.49
N VAL B 209 -23.22 -9.12 0.20
CA VAL B 209 -23.03 -7.73 -0.30
C VAL B 209 -24.18 -6.86 0.22
N THR B 210 -25.38 -7.46 0.34
CA THR B 210 -26.67 -6.76 0.47
C THR B 210 -26.99 -6.36 1.93
N MET B 211 -26.21 -6.83 2.90
CA MET B 211 -26.47 -6.61 4.34
C MET B 211 -26.06 -5.17 4.73
N GLN B 212 -26.57 -4.68 5.86
CA GLN B 212 -26.21 -3.39 6.52
C GLN B 212 -26.45 -2.23 5.54
N GLY B 213 -27.49 -2.37 4.70
CA GLY B 213 -27.86 -1.40 3.66
C GLY B 213 -26.92 -1.40 2.47
N GLY B 214 -26.15 -2.48 2.32
CA GLY B 214 -25.26 -2.72 1.17
C GLY B 214 -23.81 -2.55 1.57
N VAL B 215 -23.31 -3.41 2.47
CA VAL B 215 -22.01 -3.20 3.17
C VAL B 215 -20.86 -3.10 2.14
N PHE B 216 -20.93 -3.82 1.02
CA PHE B 216 -19.83 -3.88 0.01
C PHE B 216 -20.28 -3.24 -1.31
N GLY B 217 -21.54 -2.79 -1.38
CA GLY B 217 -22.14 -2.21 -2.61
C GLY B 217 -23.52 -2.75 -2.84
N ALA B 218 -23.86 -3.05 -4.10
CA ALA B 218 -25.16 -3.65 -4.49
C ALA B 218 -24.88 -4.77 -5.48
N THR B 219 -25.85 -5.68 -5.61
CA THR B 219 -25.91 -6.75 -6.64
C THR B 219 -26.96 -6.37 -7.70
N ALA B 220 -26.78 -6.78 -8.95
CA ALA B 220 -27.80 -6.53 -9.99
C ALA B 220 -27.67 -7.61 -11.06
N HIS B 221 -28.76 -7.91 -11.76
CA HIS B 221 -28.76 -8.67 -13.02
C HIS B 221 -28.23 -7.76 -14.12
N SER B 222 -27.47 -8.29 -15.09
CA SER B 222 -27.00 -7.50 -16.26
C SER B 222 -28.17 -6.90 -17.05
N ASP B 223 -29.35 -7.53 -17.10
CA ASP B 223 -30.59 -6.94 -17.72
C ASP B 223 -30.89 -5.54 -17.15
N ASP B 224 -30.77 -5.38 -15.84
CA ASP B 224 -31.05 -4.11 -15.13
C ASP B 224 -29.95 -3.10 -15.48
N LEU B 225 -28.71 -3.54 -15.68
CA LEU B 225 -27.64 -2.57 -16.02
C LEU B 225 -27.85 -2.13 -17.46
N LEU B 226 -28.15 -3.07 -18.36
CA LEU B 226 -28.31 -2.78 -19.80
C LEU B 226 -29.52 -1.86 -19.98
N ALA B 227 -30.54 -2.01 -19.12
CA ALA B 227 -31.73 -1.12 -19.09
C ALA B 227 -31.32 0.31 -18.71
N ALA B 228 -30.52 0.50 -17.64
CA ALA B 228 -30.07 1.84 -17.23
C ALA B 228 -29.22 2.47 -18.34
N LEU B 229 -28.46 1.67 -19.09
CA LEU B 229 -27.52 2.14 -20.14
C LEU B 229 -28.21 2.43 -21.49
N GLY B 230 -29.46 1.99 -21.70
CA GLY B 230 -30.29 2.41 -22.86
C GLY B 230 -30.03 1.60 -24.12
N MET C 4 9.48 -23.86 22.97
CA MET C 4 8.33 -24.78 22.72
C MET C 4 7.72 -24.46 21.34
N ILE C 5 7.69 -25.47 20.46
CA ILE C 5 6.94 -25.47 19.17
C ILE C 5 5.85 -26.54 19.28
N TYR C 6 4.75 -26.38 18.53
CA TYR C 6 3.54 -27.23 18.62
C TYR C 6 3.30 -27.86 17.25
N SER C 7 2.60 -28.98 17.24
CA SER C 7 2.14 -29.65 15.99
C SER C 7 0.93 -28.93 15.41
N THR C 8 0.37 -29.56 14.38
CA THR C 8 -0.70 -28.99 13.54
C THR C 8 -2.04 -28.99 14.31
N VAL C 9 -2.97 -28.15 13.87
CA VAL C 9 -4.38 -28.13 14.36
C VAL C 9 -5.18 -29.02 13.43
N ASN C 10 -6.11 -29.79 13.96
CA ASN C 10 -7.10 -30.54 13.12
C ASN C 10 -8.06 -29.49 12.55
N ALA C 11 -8.01 -29.29 11.23
CA ALA C 11 -8.65 -28.16 10.55
C ALA C 11 -9.20 -28.67 9.23
N ASN C 12 -10.00 -27.82 8.61
CA ASN C 12 -10.66 -28.06 7.31
C ASN C 12 -10.06 -27.05 6.33
N PRO C 13 -9.42 -27.45 5.22
CA PRO C 13 -9.38 -28.84 4.75
C PRO C 13 -8.03 -29.54 4.96
N TYR C 14 -7.06 -28.91 5.61
CA TYR C 14 -5.75 -29.54 5.90
C TYR C 14 -5.34 -29.31 7.37
N ALA C 15 -4.51 -30.20 7.90
CA ALA C 15 -3.88 -30.04 9.23
C ALA C 15 -3.07 -28.73 9.19
N TRP C 16 -3.54 -27.70 9.90
CA TRP C 16 -2.97 -26.32 9.79
C TRP C 16 -1.80 -26.18 10.77
N PRO C 17 -0.71 -25.44 10.46
CA PRO C 17 -0.50 -24.79 9.16
C PRO C 17 0.20 -25.66 8.11
N TYR C 18 0.27 -25.21 6.86
CA TYR C 18 0.82 -25.97 5.69
C TYR C 18 2.26 -26.44 5.94
N ASP C 19 3.05 -25.75 6.77
CA ASP C 19 4.51 -26.01 6.96
C ASP C 19 4.74 -26.95 8.15
N GLY C 20 3.68 -27.29 8.90
CA GLY C 20 3.65 -28.49 9.76
C GLY C 20 4.10 -28.25 11.20
N SER C 21 4.21 -27.00 11.64
CA SER C 21 4.34 -26.67 13.08
C SER C 21 3.78 -25.27 13.36
N ILE C 22 3.46 -25.01 14.63
CA ILE C 22 3.08 -23.66 15.14
C ILE C 22 4.20 -23.19 16.09
N ASP C 23 4.86 -22.11 15.69
CA ASP C 23 5.93 -21.44 16.47
C ASP C 23 5.37 -20.10 16.98
N PRO C 24 5.16 -19.97 18.30
CA PRO C 24 4.60 -18.74 18.86
C PRO C 24 5.39 -17.47 18.53
N ALA C 25 6.70 -17.60 18.28
CA ALA C 25 7.60 -16.51 17.85
C ALA C 25 7.13 -15.95 16.49
N HIS C 26 6.39 -16.73 15.70
CA HIS C 26 6.04 -16.37 14.30
C HIS C 26 4.51 -16.38 14.13
N THR C 27 3.76 -16.51 15.22
CA THR C 27 2.28 -16.62 15.17
C THR C 27 1.64 -15.51 15.96
N ALA C 28 0.60 -14.90 15.39
CA ALA C 28 -0.22 -13.87 16.07
C ALA C 28 -1.69 -14.27 16.05
N LEU C 29 -2.31 -14.18 17.25
CA LEU C 29 -3.77 -14.23 17.42
C LEU C 29 -4.29 -12.81 17.18
N ILE C 30 -5.25 -12.71 16.27
CA ILE C 30 -5.92 -11.42 15.89
C ILE C 30 -7.32 -11.47 16.49
N LEU C 31 -7.67 -10.46 17.28
CA LEU C 31 -9.06 -10.26 17.78
C LEU C 31 -9.64 -9.08 16.99
N ILE C 32 -10.62 -9.35 16.13
CA ILE C 32 -11.16 -8.37 15.14
C ILE C 32 -12.47 -7.77 15.66
N ASP C 33 -12.44 -6.50 16.05
CA ASP C 33 -13.65 -5.64 16.17
C ASP C 33 -14.64 -6.18 17.21
N TRP C 34 -14.17 -6.76 18.32
CA TRP C 34 -15.02 -7.10 19.49
C TRP C 34 -15.48 -5.82 20.21
N GLN C 35 -16.33 -5.05 19.53
CA GLN C 35 -16.80 -3.72 19.98
C GLN C 35 -18.32 -3.78 20.23
N ILE C 36 -18.83 -2.96 21.17
CA ILE C 36 -20.31 -2.82 21.36
C ILE C 36 -20.98 -2.53 20.00
N ASP C 37 -20.36 -1.73 19.15
CA ASP C 37 -20.96 -1.39 17.83
C ASP C 37 -21.24 -2.70 17.08
N PHE C 38 -20.47 -3.77 17.27
CA PHE C 38 -20.67 -5.05 16.51
C PHE C 38 -21.38 -6.13 17.36
N CYS C 39 -21.32 -6.12 18.71
CA CYS C 39 -21.94 -7.20 19.53
C CYS C 39 -22.67 -6.74 20.82
N GLY C 40 -22.97 -5.45 20.99
CA GLY C 40 -23.52 -4.91 22.25
C GLY C 40 -24.83 -4.13 22.07
N PRO C 41 -25.72 -4.14 23.09
CA PRO C 41 -26.95 -3.34 23.04
C PRO C 41 -26.65 -1.87 22.75
N GLY C 42 -27.45 -1.25 21.87
CA GLY C 42 -27.45 0.19 21.58
C GLY C 42 -26.49 0.59 20.47
N GLY C 43 -25.63 -0.31 20.02
CA GLY C 43 -24.61 0.01 18.99
C GLY C 43 -25.15 -0.09 17.57
N TYR C 44 -24.24 0.05 16.59
CA TYR C 44 -24.46 0.02 15.13
C TYR C 44 -25.33 -1.18 14.71
N VAL C 45 -24.87 -2.38 15.04
CA VAL C 45 -25.48 -3.64 14.53
C VAL C 45 -26.84 -3.83 15.20
N ASP C 46 -26.94 -3.53 16.51
CA ASP C 46 -28.25 -3.54 17.23
C ASP C 46 -29.21 -2.53 16.58
N SER C 47 -28.75 -1.31 16.30
CA SER C 47 -29.59 -0.22 15.74
C SER C 47 -30.09 -0.55 14.34
N MET C 48 -29.35 -1.35 13.58
CA MET C 48 -29.77 -1.79 12.22
C MET C 48 -30.80 -2.92 12.37
N GLY C 49 -30.94 -3.49 13.57
CA GLY C 49 -31.97 -4.48 13.95
C GLY C 49 -31.51 -5.92 13.79
N TYR C 50 -30.21 -6.18 13.71
CA TYR C 50 -29.67 -7.57 13.62
C TYR C 50 -29.61 -8.16 15.03
N ASP C 51 -29.56 -9.48 15.10
CA ASP C 51 -29.67 -10.28 16.35
C ASP C 51 -28.28 -10.43 16.99
N LEU C 52 -28.09 -9.83 18.16
CA LEU C 52 -26.74 -9.71 18.78
C LEU C 52 -26.25 -11.09 19.24
N SER C 53 -27.15 -12.06 19.44
CA SER C 53 -26.80 -13.42 19.92
C SER C 53 -25.92 -14.10 18.86
N LEU C 54 -26.08 -13.73 17.59
CA LEU C 54 -25.27 -14.27 16.45
C LEU C 54 -23.80 -13.87 16.61
N THR C 55 -23.51 -12.69 17.16
CA THR C 55 -22.15 -12.14 17.30
C THR C 55 -21.61 -12.43 18.71
N ARG C 56 -22.47 -12.51 19.74
CA ARG C 56 -22.03 -12.61 21.17
C ARG C 56 -21.56 -14.03 21.50
N SER C 57 -21.99 -15.06 20.76
CA SER C 57 -21.67 -16.49 21.02
C SER C 57 -20.16 -16.75 20.93
N GLY C 58 -19.44 -15.96 20.13
CA GLY C 58 -17.98 -16.09 19.95
C GLY C 58 -17.17 -15.50 21.08
N LEU C 59 -17.77 -14.80 22.04
CA LEU C 59 -17.03 -13.98 23.05
C LEU C 59 -16.31 -14.89 24.02
N GLU C 60 -17.02 -15.87 24.59
CA GLU C 60 -16.47 -16.74 25.68
C GLU C 60 -15.42 -17.65 25.06
N PRO C 61 -15.67 -18.30 23.90
CA PRO C 61 -14.64 -19.09 23.24
C PRO C 61 -13.37 -18.27 22.90
N THR C 62 -13.54 -17.02 22.44
CA THR C 62 -12.41 -16.10 22.14
C THR C 62 -11.57 -15.84 23.40
N ALA C 63 -12.22 -15.61 24.55
CA ALA C 63 -11.56 -15.32 25.86
C ALA C 63 -10.69 -16.53 26.23
N ARG C 64 -11.13 -17.75 25.92
CA ARG C 64 -10.34 -18.97 26.21
C ARG C 64 -9.13 -19.01 25.24
N VAL C 65 -9.32 -18.69 23.95
CA VAL C 65 -8.21 -18.73 22.95
C VAL C 65 -7.20 -17.64 23.32
N LEU C 66 -7.68 -16.46 23.75
CA LEU C 66 -6.84 -15.31 24.22
C LEU C 66 -5.98 -15.78 25.41
N ALA C 67 -6.54 -16.56 26.33
CA ALA C 67 -5.83 -17.10 27.53
C ALA C 67 -4.67 -17.99 27.08
N ALA C 68 -4.91 -18.94 26.17
CA ALA C 68 -3.88 -19.85 25.61
C ALA C 68 -2.81 -19.05 24.85
N ALA C 69 -3.21 -18.07 24.04
CA ALA C 69 -2.27 -17.31 23.20
C ALA C 69 -1.27 -16.56 24.10
N ARG C 70 -1.77 -15.94 25.17
CA ARG C 70 -0.92 -15.27 26.19
C ARG C 70 -0.10 -16.32 26.94
N ASP C 71 -0.66 -17.50 27.20
CA ASP C 71 0.06 -18.64 27.84
C ASP C 71 1.30 -19.05 27.04
N THR C 72 1.16 -19.21 25.72
CA THR C 72 2.18 -19.80 24.81
C THR C 72 3.17 -18.75 24.32
N GLY C 73 2.97 -17.46 24.63
CA GLY C 73 3.86 -16.36 24.24
C GLY C 73 3.72 -15.96 22.77
N MET C 74 2.61 -16.29 22.10
CA MET C 74 2.40 -15.83 20.71
C MET C 74 1.95 -14.36 20.76
N THR C 75 2.14 -13.59 19.69
CA THR C 75 1.73 -12.18 19.75
C THR C 75 0.21 -12.15 19.68
N VAL C 76 -0.35 -11.07 20.18
CA VAL C 76 -1.82 -10.84 20.22
C VAL C 76 -2.00 -9.44 19.68
N ILE C 77 -2.87 -9.29 18.71
CA ILE C 77 -3.19 -7.97 18.09
C ILE C 77 -4.71 -7.83 18.08
N HIS C 78 -5.19 -6.62 18.39
CA HIS C 78 -6.63 -6.30 18.50
C HIS C 78 -6.95 -5.31 17.38
N THR C 79 -8.18 -5.30 16.89
CA THR C 79 -8.63 -4.28 15.91
C THR C 79 -9.93 -3.62 16.40
N ARG C 80 -10.09 -2.35 16.06
CA ARG C 80 -11.34 -1.59 16.22
C ARG C 80 -11.67 -0.93 14.88
N GLU C 81 -12.85 -1.23 14.34
CA GLU C 81 -13.35 -0.47 13.20
C GLU C 81 -13.88 0.85 13.75
N GLY C 82 -13.48 1.96 13.14
CA GLY C 82 -13.99 3.29 13.55
C GLY C 82 -13.41 4.42 12.72
N HIS C 83 -13.95 5.62 12.91
CA HIS C 83 -13.52 6.83 12.19
C HIS C 83 -13.00 7.89 13.16
N ARG C 84 -12.03 8.65 12.68
CA ARG C 84 -11.70 10.00 13.22
C ARG C 84 -13.00 10.74 13.53
N PRO C 85 -13.09 11.38 14.72
CA PRO C 85 -14.19 12.29 15.05
C PRO C 85 -14.58 13.34 13.98
N ASP C 86 -13.63 13.77 13.15
CA ASP C 86 -13.89 14.74 12.07
C ASP C 86 -14.35 14.01 10.80
N LEU C 87 -14.39 12.67 10.78
CA LEU C 87 -14.90 11.80 9.66
C LEU C 87 -14.09 11.96 8.34
N ALA C 88 -12.91 12.55 8.39
CA ALA C 88 -11.96 12.71 7.26
C ALA C 88 -11.67 11.35 6.57
N ASP C 89 -11.81 10.24 7.29
CA ASP C 89 -11.55 8.83 6.87
C ASP C 89 -12.87 8.09 6.58
N LEU C 90 -13.96 8.82 6.36
CA LEU C 90 -15.28 8.17 6.12
C LEU C 90 -15.67 8.37 4.67
N PRO C 91 -15.59 7.33 3.82
CA PRO C 91 -16.09 7.46 2.45
C PRO C 91 -17.58 7.79 2.50
N PRO C 92 -18.08 8.71 1.64
CA PRO C 92 -19.49 9.05 1.64
C PRO C 92 -20.39 7.84 1.35
N ASN C 93 -19.99 6.86 0.51
CA ASN C 93 -20.87 5.70 0.23
C ASN C 93 -21.09 4.89 1.53
N LYS C 94 -20.03 4.66 2.32
CA LYS C 94 -20.14 3.93 3.61
C LYS C 94 -21.10 4.69 4.52
N ARG C 95 -20.99 6.01 4.60
CA ARG C 95 -21.89 6.87 5.43
C ARG C 95 -23.35 6.77 4.97
N TRP C 96 -23.62 6.93 3.67
CA TRP C 96 -25.00 6.90 3.10
C TRP C 96 -25.67 5.54 3.35
N ARG C 97 -24.96 4.42 3.19
CA ARG C 97 -25.53 3.07 3.39
C ARG C 97 -25.87 2.89 4.87
N SER C 98 -25.00 3.35 5.78
CA SER C 98 -25.24 3.31 7.24
C SER C 98 -26.50 4.14 7.59
N ALA C 99 -26.74 5.30 6.93
CA ALA C 99 -27.98 6.12 7.13
C ALA C 99 -29.18 5.33 6.60
N SER C 100 -29.05 4.75 5.41
CA SER C 100 -30.10 3.94 4.75
C SER C 100 -30.55 2.78 5.69
N ALA C 101 -29.63 2.21 6.47
CA ALA C 101 -29.86 1.02 7.32
C ALA C 101 -30.39 1.44 8.70
N GLY C 102 -30.44 2.75 8.96
CA GLY C 102 -31.02 3.39 10.16
C GLY C 102 -30.01 3.59 11.28
N ALA C 103 -28.71 3.74 10.97
CA ALA C 103 -27.61 3.79 11.95
C ALA C 103 -26.42 4.51 11.32
N GLU C 104 -26.62 5.79 11.01
CA GLU C 104 -25.64 6.60 10.27
C GLU C 104 -24.37 6.72 11.11
N ILE C 105 -23.24 6.37 10.52
CA ILE C 105 -21.91 6.58 11.12
C ILE C 105 -21.79 8.06 11.51
N GLY C 106 -21.43 8.30 12.76
CA GLY C 106 -21.27 9.65 13.30
C GLY C 106 -22.54 10.19 13.97
N SER C 107 -23.71 9.62 13.70
CA SER C 107 -24.97 10.03 14.37
C SER C 107 -24.95 9.60 15.84
N VAL C 108 -25.65 10.33 16.70
CA VAL C 108 -25.67 10.04 18.17
C VAL C 108 -26.69 8.93 18.40
N GLY C 109 -26.21 7.80 18.93
CA GLY C 109 -27.06 6.68 19.37
C GLY C 109 -26.92 6.51 20.88
N PRO C 110 -27.51 5.44 21.47
CA PRO C 110 -27.36 5.14 22.90
C PRO C 110 -25.94 5.02 23.46
N CYS C 111 -24.95 4.66 22.64
CA CYS C 111 -23.53 4.53 23.08
C CYS C 111 -22.64 5.60 22.42
N GLY C 112 -23.22 6.73 22.04
CA GLY C 112 -22.48 7.88 21.48
C GLY C 112 -22.53 7.90 19.96
N ARG C 113 -21.56 8.59 19.37
CA ARG C 113 -21.41 8.73 17.90
C ARG C 113 -21.04 7.37 17.32
N ILE C 114 -21.92 6.85 16.48
CA ILE C 114 -21.83 5.48 15.94
C ILE C 114 -20.51 5.36 15.16
N LEU C 115 -19.67 4.38 15.55
CA LEU C 115 -18.39 3.99 14.90
C LEU C 115 -17.41 5.17 14.85
N VAL C 116 -17.41 6.00 15.89
CA VAL C 116 -16.44 7.10 16.03
C VAL C 116 -15.48 6.74 17.15
N ARG C 117 -14.20 6.86 16.88
CA ARG C 117 -13.08 6.62 17.82
C ARG C 117 -13.30 7.52 19.04
N GLY C 118 -13.14 6.93 20.23
CA GLY C 118 -13.28 7.59 21.54
C GLY C 118 -14.63 7.32 22.19
N GLU C 119 -15.62 6.83 21.43
CA GLU C 119 -17.04 6.67 21.85
C GLU C 119 -17.27 5.31 22.54
N PRO C 120 -18.19 5.26 23.52
CA PRO C 120 -18.46 4.02 24.27
C PRO C 120 -18.73 2.78 23.39
N GLY C 121 -19.53 2.95 22.33
CA GLY C 121 -19.89 1.81 21.47
C GLY C 121 -18.70 1.29 20.67
N TRP C 122 -17.67 2.10 20.50
CA TRP C 122 -16.45 1.78 19.71
C TRP C 122 -15.42 1.03 20.57
N GLU C 123 -15.57 1.04 21.90
CA GLU C 123 -14.60 0.41 22.83
C GLU C 123 -14.63 -1.11 22.63
N ILE C 124 -13.49 -1.75 22.80
CA ILE C 124 -13.37 -3.24 22.87
C ILE C 124 -14.07 -3.67 24.14
N VAL C 125 -14.93 -4.67 24.07
CA VAL C 125 -15.71 -5.15 25.25
C VAL C 125 -14.75 -5.75 26.25
N PRO C 126 -15.07 -5.67 27.56
CA PRO C 126 -14.14 -6.13 28.61
C PRO C 126 -13.82 -7.63 28.59
N GLU C 127 -14.71 -8.48 28.09
CA GLU C 127 -14.48 -9.95 28.06
C GLU C 127 -13.19 -10.27 27.28
N VAL C 128 -12.77 -9.38 26.38
CA VAL C 128 -11.54 -9.59 25.56
C VAL C 128 -10.66 -8.34 25.61
N ALA C 129 -10.56 -7.73 26.79
CA ALA C 129 -9.80 -6.48 27.00
C ALA C 129 -8.34 -6.71 26.59
N PRO C 130 -7.71 -5.75 25.90
CA PRO C 130 -6.27 -5.79 25.64
C PRO C 130 -5.40 -5.62 26.88
N ARG C 131 -4.21 -6.26 26.89
CA ARG C 131 -3.11 -5.99 27.85
C ARG C 131 -1.99 -5.24 27.12
N GLU C 132 -1.15 -4.52 27.89
CA GLU C 132 0.03 -3.78 27.39
C GLU C 132 0.92 -4.76 26.58
N GLY C 133 1.44 -4.30 25.44
CA GLY C 133 2.25 -5.13 24.53
C GLY C 133 1.42 -5.93 23.51
N GLU C 134 0.09 -5.75 23.48
CA GLU C 134 -0.81 -6.34 22.45
C GLU C 134 -1.35 -5.19 21.63
N PRO C 135 -0.73 -4.85 20.48
CA PRO C 135 -1.12 -3.66 19.73
C PRO C 135 -2.59 -3.70 19.32
N ILE C 136 -3.24 -2.53 19.43
CA ILE C 136 -4.60 -2.27 18.87
C ILE C 136 -4.47 -1.54 17.52
N ILE C 137 -5.04 -2.15 16.47
CA ILE C 137 -5.27 -1.52 15.13
C ILE C 137 -6.56 -0.69 15.14
N ASP C 138 -6.47 0.58 14.76
CA ASP C 138 -7.66 1.43 14.48
C ASP C 138 -7.82 1.51 12.96
N LYS C 139 -8.88 0.89 12.42
CA LYS C 139 -9.05 0.79 10.94
C LYS C 139 -10.33 1.50 10.54
N PRO C 140 -10.29 2.30 9.45
CA PRO C 140 -11.49 2.92 8.90
C PRO C 140 -12.28 1.99 7.97
N GLY C 141 -11.75 0.81 7.70
CA GLY C 141 -12.30 -0.16 6.73
C GLY C 141 -12.59 -1.50 7.38
N LYS C 142 -13.06 -2.46 6.58
CA LYS C 142 -13.37 -3.81 7.09
C LYS C 142 -12.04 -4.58 7.15
N GLY C 143 -11.15 -4.39 6.18
CA GLY C 143 -9.80 -5.02 6.15
C GLY C 143 -8.85 -4.31 7.09
N ALA C 144 -8.17 -5.08 7.96
CA ALA C 144 -7.25 -4.53 9.00
C ALA C 144 -5.94 -4.01 8.38
N PHE C 145 -5.61 -4.35 7.13
CA PHE C 145 -4.34 -3.93 6.49
C PHE C 145 -4.52 -2.57 5.82
N TYR C 146 -5.69 -2.24 5.26
CA TYR C 146 -5.88 -0.97 4.51
C TYR C 146 -5.90 0.24 5.46
N ALA C 147 -5.03 1.20 5.20
CA ALA C 147 -4.95 2.50 5.90
C ALA C 147 -4.49 2.35 7.37
N THR C 148 -3.70 1.34 7.67
CA THR C 148 -3.20 1.02 9.04
C THR C 148 -1.71 0.67 9.02
N ASP C 149 -1.15 0.37 10.18
CA ASP C 149 0.25 -0.07 10.37
C ASP C 149 0.32 -1.58 10.64
N LEU C 150 -0.76 -2.33 10.42
CA LEU C 150 -0.76 -3.75 10.84
C LEU C 150 0.43 -4.47 10.17
N ASP C 151 0.65 -4.29 8.87
CA ASP C 151 1.68 -5.08 8.14
C ASP C 151 3.06 -4.73 8.71
N LEU C 152 3.28 -3.46 9.10
CA LEU C 152 4.55 -3.04 9.74
C LEU C 152 4.67 -3.77 11.08
N LEU C 153 3.57 -3.86 11.85
CA LEU C 153 3.66 -4.51 13.18
C LEU C 153 4.04 -5.99 12.97
N LEU C 154 3.36 -6.65 12.04
CA LEU C 154 3.56 -8.09 11.79
C LEU C 154 4.98 -8.35 11.27
N ARG C 155 5.47 -7.56 10.31
CA ARG C 155 6.82 -7.83 9.74
C ARG C 155 7.89 -7.52 10.80
N THR C 156 7.67 -6.51 11.65
CA THR C 156 8.63 -6.12 12.71
C THR C 156 8.82 -7.27 13.73
N ARG C 157 7.75 -8.00 14.08
CA ARG C 157 7.79 -9.17 15.01
C ARG C 157 8.10 -10.47 14.24
N GLY C 158 8.24 -10.42 12.93
CA GLY C 158 8.54 -11.64 12.15
C GLY C 158 7.37 -12.60 12.11
N ILE C 159 6.13 -12.10 12.09
CA ILE C 159 4.93 -12.98 12.09
C ILE C 159 4.72 -13.51 10.68
N THR C 160 4.39 -14.80 10.55
CA THR C 160 4.13 -15.46 9.26
C THR C 160 2.76 -16.15 9.29
N HIS C 161 2.20 -16.32 10.47
CA HIS C 161 1.02 -17.18 10.74
C HIS C 161 0.02 -16.36 11.56
N LEU C 162 -1.25 -16.36 11.16
CA LEU C 162 -2.32 -15.65 11.88
C LEU C 162 -3.37 -16.65 12.32
N ILE C 163 -3.89 -16.49 13.54
CA ILE C 163 -5.11 -17.17 14.05
C ILE C 163 -6.16 -16.07 14.22
N LEU C 164 -7.28 -16.16 13.49
CA LEU C 164 -8.29 -15.09 13.39
C LEU C 164 -9.53 -15.46 14.19
N THR C 165 -9.96 -14.52 15.05
CA THR C 165 -11.24 -14.47 15.80
C THR C 165 -11.87 -13.10 15.59
N GLY C 166 -13.16 -13.00 15.91
CA GLY C 166 -13.86 -11.71 15.95
C GLY C 166 -15.00 -11.65 14.97
N ILE C 167 -15.47 -10.43 14.70
CA ILE C 167 -16.76 -10.23 14.00
C ILE C 167 -16.60 -9.11 12.97
N THR C 168 -17.36 -9.19 11.89
CA THR C 168 -18.22 -10.33 11.63
C THR C 168 -17.46 -11.25 10.67
N THR C 169 -17.82 -12.54 10.66
CA THR C 169 -17.16 -13.61 9.87
C THR C 169 -17.02 -13.17 8.40
N ASP C 170 -18.09 -12.69 7.79
CA ASP C 170 -18.19 -12.45 6.32
C ASP C 170 -17.73 -11.03 5.97
N VAL C 171 -17.59 -10.14 6.95
CA VAL C 171 -17.20 -8.73 6.68
C VAL C 171 -15.74 -8.51 7.12
N SER C 172 -15.47 -7.96 8.30
CA SER C 172 -14.10 -7.55 8.72
C SER C 172 -13.19 -8.78 8.85
N VAL C 173 -13.68 -9.93 9.33
CA VAL C 173 -12.78 -11.11 9.55
C VAL C 173 -12.33 -11.61 8.16
N HIS C 174 -13.27 -11.94 7.28
CA HIS C 174 -12.97 -12.47 5.93
C HIS C 174 -12.10 -11.48 5.14
N THR C 175 -12.40 -10.18 5.18
CA THR C 175 -11.62 -9.18 4.40
C THR C 175 -10.18 -9.25 4.90
N THR C 176 -10.00 -9.23 6.22
CA THR C 176 -8.68 -9.27 6.89
C THR C 176 -7.97 -10.58 6.52
N MET C 177 -8.69 -11.68 6.51
CA MET C 177 -8.11 -12.97 6.10
C MET C 177 -7.68 -12.94 4.61
N ARG C 178 -8.48 -12.33 3.72
CA ARG C 178 -8.21 -12.29 2.28
C ARG C 178 -6.93 -11.46 2.05
N GLU C 179 -6.84 -10.30 2.69
CA GLU C 179 -5.69 -9.37 2.57
C GLU C 179 -4.41 -10.08 3.05
N ALA C 180 -4.46 -10.70 4.24
CA ALA C 180 -3.33 -11.46 4.83
C ALA C 180 -2.88 -12.55 3.85
N ASN C 181 -3.81 -13.40 3.42
CA ASN C 181 -3.54 -14.55 2.53
C ASN C 181 -2.80 -14.15 1.24
N ASP C 182 -3.22 -13.06 0.59
CA ASP C 182 -2.59 -12.53 -0.65
C ASP C 182 -1.12 -12.10 -0.41
N ARG C 183 -0.77 -11.63 0.80
CA ARG C 183 0.65 -11.28 1.14
C ARG C 183 1.46 -12.53 1.54
N GLY C 184 0.82 -13.69 1.67
CA GLY C 184 1.45 -14.99 1.97
C GLY C 184 1.39 -15.37 3.44
N TYR C 185 0.69 -14.61 4.28
CA TYR C 185 0.39 -15.09 5.67
C TYR C 185 -0.45 -16.38 5.59
N GLU C 186 -0.08 -17.35 6.43
CA GLU C 186 -0.81 -18.63 6.62
C GLU C 186 -1.85 -18.39 7.72
N CYS C 187 -3.15 -18.51 7.41
CA CYS C 187 -4.26 -18.06 8.28
C CYS C 187 -5.17 -19.21 8.71
N LEU C 188 -5.49 -19.28 10.01
CA LEU C 188 -6.55 -20.14 10.59
C LEU C 188 -7.73 -19.26 11.03
N ILE C 189 -8.95 -19.62 10.66
CA ILE C 189 -10.16 -18.91 11.13
C ILE C 189 -10.90 -19.86 12.07
N LEU C 190 -11.23 -19.38 13.28
CA LEU C 190 -11.89 -20.23 14.30
C LEU C 190 -13.41 -20.09 14.17
N SER C 191 -14.11 -21.19 13.91
CA SER C 191 -15.57 -21.23 13.58
C SER C 191 -16.43 -20.75 14.75
N ASP C 192 -16.02 -21.02 15.99
CA ASP C 192 -16.83 -20.80 17.22
C ASP C 192 -16.47 -19.45 17.83
N CYS C 193 -15.36 -18.82 17.38
CA CYS C 193 -14.86 -17.50 17.89
C CYS C 193 -15.18 -16.36 16.93
N THR C 194 -16.04 -16.59 15.95
CA THR C 194 -16.46 -15.61 14.93
C THR C 194 -17.99 -15.67 14.89
N GLY C 195 -18.64 -14.74 14.18
CA GLY C 195 -20.11 -14.70 14.06
C GLY C 195 -20.55 -13.57 13.13
N ALA C 196 -21.71 -13.69 12.48
CA ALA C 196 -22.11 -12.75 11.39
C ALA C 196 -23.50 -12.22 11.67
N THR C 197 -23.98 -11.27 10.87
CA THR C 197 -25.35 -10.73 11.03
C THR C 197 -26.37 -11.78 10.55
N ASP C 198 -25.90 -12.84 9.90
CA ASP C 198 -26.72 -13.96 9.34
C ASP C 198 -25.97 -15.30 9.52
N ARG C 199 -26.65 -16.32 10.06
CA ARG C 199 -26.07 -17.65 10.34
C ARG C 199 -25.58 -18.31 9.05
N LYS C 200 -26.38 -18.21 7.98
CA LYS C 200 -26.03 -18.77 6.64
C LYS C 200 -24.76 -18.09 6.11
N HIS C 201 -24.64 -16.76 6.21
CA HIS C 201 -23.40 -16.02 5.81
C HIS C 201 -22.19 -16.49 6.63
N HIS C 202 -22.32 -16.61 7.95
CA HIS C 202 -21.25 -17.18 8.83
C HIS C 202 -20.83 -18.55 8.28
N GLU C 203 -21.80 -19.47 8.08
CA GLU C 203 -21.50 -20.87 7.65
C GLU C 203 -20.88 -20.86 6.24
N ALA C 204 -21.44 -20.08 5.32
CA ALA C 204 -20.93 -19.99 3.93
C ALA C 204 -19.54 -19.33 3.97
N ALA C 205 -19.31 -18.31 4.80
CA ALA C 205 -17.96 -17.69 4.95
C ALA C 205 -16.91 -18.75 5.36
N LEU C 206 -17.25 -19.63 6.30
CA LEU C 206 -16.27 -20.64 6.79
C LEU C 206 -15.94 -21.60 5.65
N SER C 207 -16.96 -22.05 4.94
CA SER C 207 -16.88 -23.08 3.88
C SER C 207 -16.09 -22.53 2.67
N MET C 208 -16.25 -21.24 2.36
CA MET C 208 -15.55 -20.61 1.21
C MET C 208 -14.03 -20.77 1.35
N VAL C 209 -13.53 -20.71 2.60
CA VAL C 209 -12.09 -20.84 2.96
C VAL C 209 -11.54 -22.19 2.48
N THR C 210 -12.34 -23.25 2.58
CA THR C 210 -11.92 -24.67 2.51
C THR C 210 -11.78 -25.17 1.08
N MET C 211 -12.24 -24.42 0.08
CA MET C 211 -12.26 -24.85 -1.34
C MET C 211 -10.83 -24.84 -1.89
N GLN C 212 -10.57 -25.59 -2.97
CA GLN C 212 -9.31 -25.55 -3.76
C GLN C 212 -8.12 -25.91 -2.85
N GLY C 213 -8.34 -26.79 -1.86
CA GLY C 213 -7.27 -27.23 -0.95
C GLY C 213 -7.01 -26.23 0.14
N GLY C 214 -7.90 -25.25 0.32
CA GLY C 214 -7.81 -24.20 1.35
C GLY C 214 -7.42 -22.86 0.78
N VAL C 215 -8.25 -22.33 -0.11
CA VAL C 215 -7.88 -21.17 -0.95
C VAL C 215 -7.45 -19.99 -0.05
N PHE C 216 -8.04 -19.79 1.12
CA PHE C 216 -7.71 -18.66 2.03
C PHE C 216 -7.03 -19.14 3.33
N GLY C 217 -6.81 -20.43 3.46
CA GLY C 217 -6.22 -21.07 4.64
C GLY C 217 -7.15 -22.16 5.14
N ALA C 218 -7.39 -22.22 6.44
CA ALA C 218 -8.15 -23.35 7.01
C ALA C 218 -9.08 -22.85 8.12
N THR C 219 -10.12 -23.61 8.40
CA THR C 219 -11.06 -23.35 9.53
C THR C 219 -10.80 -24.37 10.66
N ALA C 220 -11.14 -24.06 11.91
CA ALA C 220 -11.13 -25.02 13.03
C ALA C 220 -11.96 -24.50 14.19
N HIS C 221 -12.39 -25.42 15.05
CA HIS C 221 -13.00 -25.14 16.37
C HIS C 221 -11.87 -24.82 17.36
N SER C 222 -12.08 -23.90 18.30
CA SER C 222 -11.07 -23.52 19.34
C SER C 222 -10.60 -24.77 20.10
N ASP C 223 -11.51 -25.73 20.35
CA ASP C 223 -11.15 -27.04 20.96
C ASP C 223 -9.91 -27.61 20.28
N ASP C 224 -9.87 -27.68 18.95
CA ASP C 224 -8.73 -28.34 18.25
C ASP C 224 -7.48 -27.45 18.35
N LEU C 225 -7.62 -26.12 18.37
CA LEU C 225 -6.45 -25.21 18.58
C LEU C 225 -5.90 -25.42 20.00
N LEU C 226 -6.77 -25.46 21.00
CA LEU C 226 -6.38 -25.61 22.43
C LEU C 226 -5.76 -26.99 22.67
N ALA C 227 -6.25 -28.03 22.01
CA ALA C 227 -5.64 -29.38 22.04
C ALA C 227 -4.20 -29.29 21.53
N ALA C 228 -3.95 -28.71 20.35
CA ALA C 228 -2.62 -28.65 19.70
C ALA C 228 -1.63 -27.83 20.56
N LEU C 229 -2.12 -26.84 21.29
CA LEU C 229 -1.31 -25.97 22.18
C LEU C 229 -1.03 -26.68 23.52
N GLY C 230 -1.60 -27.86 23.75
CA GLY C 230 -1.49 -28.60 25.02
C GLY C 230 -2.14 -27.88 26.20
N THR C 231 -3.16 -27.05 25.96
CA THR C 231 -3.94 -26.36 27.02
C THR C 231 -5.35 -26.96 27.09
N MET D 4 -12.03 32.59 -5.12
CA MET D 4 -12.53 31.22 -5.50
C MET D 4 -11.36 30.37 -6.03
N ILE D 5 -10.67 30.82 -7.10
CA ILE D 5 -9.51 30.14 -7.77
C ILE D 5 -8.37 31.17 -7.93
N TYR D 6 -7.11 30.77 -7.73
CA TYR D 6 -5.98 31.71 -7.54
C TYR D 6 -4.95 31.48 -8.65
N SER D 7 -4.12 32.48 -8.90
CA SER D 7 -3.05 32.43 -9.94
C SER D 7 -1.97 31.42 -9.52
N THR D 8 -1.14 31.07 -10.48
CA THR D 8 0.07 30.25 -10.26
C THR D 8 1.06 31.00 -9.34
N VAL D 9 1.98 30.24 -8.75
CA VAL D 9 3.11 30.74 -7.90
C VAL D 9 4.34 30.86 -8.80
N ASN D 10 5.08 31.96 -8.66
CA ASN D 10 6.46 32.15 -9.19
C ASN D 10 7.37 31.15 -8.46
N ALA D 11 7.61 30.00 -9.08
CA ALA D 11 8.25 28.83 -8.44
C ALA D 11 9.41 28.36 -9.31
N ASN D 12 10.25 27.49 -8.79
CA ASN D 12 11.38 26.94 -9.56
C ASN D 12 11.13 25.44 -9.75
N PRO D 13 11.09 24.89 -10.98
CA PRO D 13 11.41 25.61 -12.23
C PRO D 13 10.25 26.01 -13.17
N TYR D 14 8.99 25.89 -12.75
CA TYR D 14 7.82 26.34 -13.54
C TYR D 14 6.84 27.07 -12.62
N ALA D 15 6.02 27.96 -13.19
CA ALA D 15 4.89 28.65 -12.51
C ALA D 15 3.93 27.59 -11.97
N TRP D 16 3.89 27.40 -10.65
CA TRP D 16 3.21 26.23 -10.03
C TRP D 16 1.76 26.58 -9.72
N PRO D 17 0.76 25.70 -9.95
CA PRO D 17 0.96 24.32 -10.45
C PRO D 17 0.87 24.13 -11.96
N TYR D 18 1.22 22.93 -12.48
CA TYR D 18 1.34 22.61 -13.92
C TYR D 18 0.00 22.85 -14.64
N ASP D 19 -1.14 22.86 -13.93
CA ASP D 19 -2.48 22.92 -14.58
C ASP D 19 -3.03 24.34 -14.53
N GLY D 20 -2.24 25.31 -14.04
CA GLY D 20 -2.43 26.73 -14.41
C GLY D 20 -3.14 27.55 -13.35
N SER D 21 -3.53 26.97 -12.22
CA SER D 21 -4.27 27.69 -11.15
C SER D 21 -4.34 26.82 -9.91
N ILE D 22 -4.63 27.44 -8.76
CA ILE D 22 -4.74 26.78 -7.43
C ILE D 22 -6.21 26.82 -7.03
N ASP D 23 -6.81 25.65 -6.82
CA ASP D 23 -8.19 25.48 -6.30
C ASP D 23 -8.09 24.96 -4.87
N PRO D 24 -8.55 25.75 -3.86
CA PRO D 24 -8.55 25.31 -2.47
C PRO D 24 -9.38 24.05 -2.22
N ALA D 25 -10.43 23.81 -3.01
CA ALA D 25 -11.25 22.58 -2.95
C ALA D 25 -10.38 21.34 -3.20
N HIS D 26 -9.24 21.48 -3.90
CA HIS D 26 -8.44 20.32 -4.36
C HIS D 26 -7.00 20.47 -3.90
N THR D 27 -6.72 21.37 -2.94
CA THR D 27 -5.34 21.68 -2.45
C THR D 27 -5.25 21.47 -0.93
N ALA D 28 -4.21 20.78 -0.46
CA ALA D 28 -3.92 20.64 0.99
C ALA D 28 -2.55 21.24 1.27
N LEU D 29 -2.53 22.06 2.32
CA LEU D 29 -1.32 22.46 3.07
C LEU D 29 -0.95 21.32 4.04
N ILE D 30 0.28 20.84 3.95
CA ILE D 30 0.76 19.75 4.84
C ILE D 30 1.82 20.35 5.75
N LEU D 31 1.70 20.11 7.05
CA LEU D 31 2.67 20.59 8.06
C LEU D 31 3.35 19.36 8.67
N ILE D 32 4.63 19.19 8.33
CA ILE D 32 5.38 17.92 8.57
C ILE D 32 6.28 18.08 9.80
N ASP D 33 5.84 17.45 10.88
CA ASP D 33 6.69 17.04 12.02
C ASP D 33 7.25 18.27 12.74
N TRP D 34 6.43 19.31 12.89
CA TRP D 34 6.80 20.49 13.70
C TRP D 34 6.69 20.10 15.17
N GLN D 35 7.56 19.20 15.63
CA GLN D 35 7.57 18.65 17.01
C GLN D 35 8.88 19.10 17.67
N ILE D 36 8.87 19.17 18.99
CA ILE D 36 10.06 19.52 19.83
C ILE D 36 11.19 18.54 19.47
N ASP D 37 10.84 17.29 19.21
CA ASP D 37 11.83 16.22 18.93
C ASP D 37 12.66 16.62 17.72
N PHE D 38 12.14 17.47 16.82
CA PHE D 38 12.89 17.92 15.63
C PHE D 38 13.38 19.37 15.73
N CYS D 39 12.68 20.28 16.44
CA CYS D 39 13.05 21.73 16.44
C CYS D 39 13.14 22.34 17.86
N GLY D 40 13.11 21.55 18.94
CA GLY D 40 12.98 22.07 20.30
C GLY D 40 14.14 21.67 21.22
N PRO D 41 14.45 22.50 22.25
CA PRO D 41 15.40 22.09 23.29
C PRO D 41 14.96 20.80 24.00
N GLY D 42 15.91 19.91 24.28
CA GLY D 42 15.69 18.67 25.04
C GLY D 42 15.19 17.51 24.16
N GLY D 43 14.90 17.76 22.89
CA GLY D 43 14.32 16.75 21.96
C GLY D 43 15.37 15.91 21.26
N TYR D 44 14.92 14.96 20.44
CA TYR D 44 15.74 13.98 19.66
C TYR D 44 16.89 14.72 18.95
N VAL D 45 16.60 15.72 18.13
CA VAL D 45 17.59 16.41 17.27
C VAL D 45 18.60 17.16 18.15
N ASP D 46 18.13 17.82 19.21
CA ASP D 46 18.99 18.55 20.17
C ASP D 46 19.94 17.56 20.82
N SER D 47 19.41 16.41 21.26
CA SER D 47 20.16 15.37 21.99
C SER D 47 21.24 14.80 21.07
N MET D 48 21.05 14.86 19.76
CA MET D 48 22.06 14.34 18.79
C MET D 48 23.12 15.42 18.54
N GLY D 49 22.93 16.65 19.01
CA GLY D 49 23.95 17.72 18.92
C GLY D 49 23.69 18.68 17.76
N TYR D 50 22.58 18.57 17.04
CA TYR D 50 22.37 19.39 15.82
C TYR D 50 21.83 20.77 16.19
N ASP D 51 22.00 21.72 15.28
CA ASP D 51 21.73 23.16 15.49
C ASP D 51 20.23 23.42 15.22
N LEU D 52 19.46 23.61 16.28
CA LEU D 52 17.99 23.88 16.24
C LEU D 52 17.64 25.16 15.47
N SER D 53 18.54 26.14 15.34
CA SER D 53 18.28 27.39 14.58
C SER D 53 17.98 27.02 13.13
N LEU D 54 18.55 25.93 12.64
CA LEU D 54 18.33 25.48 11.24
C LEU D 54 16.88 25.03 11.03
N THR D 55 16.21 24.49 12.05
CA THR D 55 14.81 23.99 11.92
C THR D 55 13.83 25.12 12.30
N ARG D 56 14.16 25.94 13.31
CA ARG D 56 13.21 26.90 13.92
C ARG D 56 12.82 28.03 12.96
N SER D 57 13.75 28.53 12.13
CA SER D 57 13.57 29.66 11.18
C SER D 57 12.32 29.46 10.33
N GLY D 58 11.97 28.22 9.98
CA GLY D 58 10.76 27.90 9.19
C GLY D 58 9.44 28.16 9.93
N LEU D 59 9.46 28.24 11.26
CA LEU D 59 8.23 28.25 12.11
C LEU D 59 7.38 29.50 11.84
N GLU D 60 7.99 30.69 11.78
CA GLU D 60 7.25 31.97 11.68
C GLU D 60 6.61 32.04 10.29
N PRO D 61 7.31 31.75 9.18
CA PRO D 61 6.70 31.82 7.85
C PRO D 61 5.63 30.73 7.71
N THR D 62 5.82 29.58 8.36
CA THR D 62 4.79 28.49 8.34
C THR D 62 3.50 29.01 8.98
N ALA D 63 3.56 29.67 10.14
CA ALA D 63 2.35 30.23 10.79
C ALA D 63 1.60 31.14 9.81
N ARG D 64 2.32 31.95 9.05
CA ARG D 64 1.69 32.90 8.10
C ARG D 64 1.06 32.08 6.94
N VAL D 65 1.75 31.08 6.40
CA VAL D 65 1.16 30.23 5.31
C VAL D 65 -0.06 29.47 5.86
N LEU D 66 0.02 28.96 7.09
CA LEU D 66 -1.10 28.24 7.75
C LEU D 66 -2.32 29.17 7.78
N ALA D 67 -2.10 30.45 8.13
CA ALA D 67 -3.12 31.54 8.17
C ALA D 67 -3.72 31.76 6.79
N ALA D 68 -2.88 31.85 5.76
CA ALA D 68 -3.36 31.99 4.36
C ALA D 68 -4.17 30.75 3.94
N ALA D 69 -3.73 29.54 4.30
CA ALA D 69 -4.43 28.28 3.95
C ALA D 69 -5.82 28.26 4.60
N ARG D 70 -5.92 28.55 5.90
CA ARG D 70 -7.20 28.54 6.65
C ARG D 70 -8.12 29.66 6.12
N ASP D 71 -7.58 30.81 5.75
CA ASP D 71 -8.33 31.97 5.16
C ASP D 71 -8.98 31.54 3.84
N THR D 72 -8.24 30.86 2.95
CA THR D 72 -8.69 30.49 1.58
C THR D 72 -9.54 29.23 1.58
N GLY D 73 -9.62 28.51 2.70
CA GLY D 73 -10.42 27.27 2.84
C GLY D 73 -9.79 26.05 2.16
N MET D 74 -8.48 26.05 1.98
CA MET D 74 -7.68 24.83 1.67
C MET D 74 -7.89 23.79 2.78
N THR D 75 -7.70 22.51 2.47
CA THR D 75 -7.51 21.44 3.48
C THR D 75 -6.16 21.62 4.17
N VAL D 76 -6.09 21.39 5.49
CA VAL D 76 -4.84 21.46 6.29
C VAL D 76 -4.63 20.12 6.98
N ILE D 77 -3.47 19.50 6.76
CA ILE D 77 -3.12 18.20 7.39
C ILE D 77 -1.79 18.36 8.10
N HIS D 78 -1.70 17.82 9.31
CA HIS D 78 -0.50 17.91 10.18
C HIS D 78 0.06 16.50 10.29
N THR D 79 1.40 16.34 10.39
CA THR D 79 2.03 15.01 10.63
C THR D 79 2.86 15.08 11.90
N ARG D 80 2.90 13.96 12.64
CA ARG D 80 3.81 13.71 13.77
C ARG D 80 4.54 12.39 13.54
N GLU D 81 5.87 12.45 13.45
CA GLU D 81 6.69 11.21 13.51
C GLU D 81 6.69 10.71 14.95
N GLY D 82 6.38 9.44 15.15
CA GLY D 82 6.29 8.86 16.50
C GLY D 82 5.99 7.38 16.50
N HIS D 83 6.13 6.78 17.68
CA HIS D 83 5.96 5.32 17.90
C HIS D 83 4.96 5.07 19.01
N ARG D 84 4.08 4.10 18.78
CA ARG D 84 3.30 3.42 19.83
C ARG D 84 4.21 3.25 21.05
N PRO D 85 3.74 3.60 22.26
CA PRO D 85 4.50 3.36 23.49
C PRO D 85 5.06 1.95 23.63
N ASP D 86 4.40 0.91 23.08
CA ASP D 86 4.88 -0.49 23.16
C ASP D 86 6.01 -0.69 22.13
N LEU D 87 6.29 0.27 21.25
CA LEU D 87 7.39 0.23 20.23
C LEU D 87 7.16 -0.87 19.15
N ALA D 88 5.94 -1.38 18.96
CA ALA D 88 5.61 -2.43 17.96
C ALA D 88 5.81 -1.93 16.51
N ASP D 89 5.79 -0.61 16.27
CA ASP D 89 5.99 0.02 14.93
C ASP D 89 7.43 0.52 14.81
N LEU D 90 8.38 0.04 15.62
CA LEU D 90 9.74 0.62 15.59
C LEU D 90 10.68 -0.43 15.04
N PRO D 91 11.15 -0.30 13.77
CA PRO D 91 12.11 -1.29 13.26
C PRO D 91 13.36 -1.25 14.14
N PRO D 92 13.98 -2.41 14.46
CA PRO D 92 15.20 -2.42 15.26
C PRO D 92 16.37 -1.64 14.64
N ASN D 93 16.50 -1.59 13.32
CA ASN D 93 17.60 -0.80 12.69
C ASN D 93 17.35 0.69 13.00
N LYS D 94 16.10 1.18 13.00
CA LYS D 94 15.81 2.59 13.35
C LYS D 94 16.24 2.90 14.80
N ARG D 95 15.82 2.08 15.73
CA ARG D 95 16.16 2.15 17.17
C ARG D 95 17.68 2.12 17.38
N TRP D 96 18.38 1.20 16.70
CA TRP D 96 19.83 0.94 16.91
C TRP D 96 20.61 2.19 16.47
N ARG D 97 20.20 2.82 15.38
CA ARG D 97 20.85 4.06 14.86
C ARG D 97 20.61 5.22 15.84
N SER D 98 19.38 5.36 16.35
CA SER D 98 19.03 6.43 17.34
C SER D 98 19.92 6.24 18.59
N ALA D 99 20.11 5.00 19.09
CA ALA D 99 20.99 4.70 20.25
C ALA D 99 22.45 5.05 19.89
N SER D 100 22.87 4.67 18.68
CA SER D 100 24.21 4.99 18.13
C SER D 100 24.44 6.51 18.16
N ALA D 101 23.44 7.31 17.78
CA ALA D 101 23.59 8.77 17.68
C ALA D 101 23.39 9.43 19.06
N GLY D 102 23.21 8.66 20.14
CA GLY D 102 23.09 9.16 21.52
C GLY D 102 21.71 9.74 21.84
N ALA D 103 20.65 9.22 21.23
CA ALA D 103 19.27 9.67 21.51
C ALA D 103 18.31 8.53 21.11
N GLU D 104 18.40 7.43 21.83
CA GLU D 104 17.66 6.19 21.51
C GLU D 104 16.17 6.47 21.58
N ILE D 105 15.44 6.08 20.54
CA ILE D 105 13.96 6.18 20.52
C ILE D 105 13.43 5.32 21.69
N GLY D 106 12.48 5.86 22.42
CA GLY D 106 11.86 5.17 23.56
C GLY D 106 12.56 5.48 24.87
N SER D 107 13.83 5.89 24.84
CA SER D 107 14.65 6.23 26.05
C SER D 107 14.15 7.55 26.69
N VAL D 108 14.24 7.65 28.01
CA VAL D 108 13.80 8.85 28.76
C VAL D 108 14.84 9.97 28.57
N GLY D 109 14.41 11.11 28.06
CA GLY D 109 15.21 12.35 28.00
C GLY D 109 14.49 13.50 28.68
N PRO D 110 15.02 14.73 28.56
CA PRO D 110 14.37 15.91 29.11
C PRO D 110 12.88 16.12 28.78
N CYS D 111 12.40 15.74 27.59
CA CYS D 111 10.99 15.93 27.19
C CYS D 111 10.25 14.59 27.15
N GLY D 112 10.61 13.65 28.04
CA GLY D 112 9.98 12.32 28.10
C GLY D 112 10.66 11.34 27.16
N ARG D 113 9.94 10.30 26.77
CA ARG D 113 10.49 9.19 25.94
C ARG D 113 10.62 9.68 24.51
N ILE D 114 11.81 9.59 23.93
CA ILE D 114 12.11 10.22 22.62
C ILE D 114 11.24 9.57 21.54
N LEU D 115 10.56 10.40 20.74
CA LEU D 115 9.73 10.01 19.55
C LEU D 115 8.64 8.99 19.93
N VAL D 116 8.12 9.05 21.15
CA VAL D 116 6.98 8.18 21.57
C VAL D 116 5.73 9.04 21.62
N ARG D 117 4.64 8.52 21.05
CA ARG D 117 3.32 9.18 20.96
C ARG D 117 2.80 9.40 22.39
N GLY D 118 2.31 10.61 22.67
CA GLY D 118 1.79 11.02 23.99
C GLY D 118 2.79 11.83 24.78
N GLU D 119 4.08 11.84 24.42
CA GLU D 119 5.17 12.49 25.20
C GLU D 119 5.32 13.97 24.83
N PRO D 120 5.78 14.82 25.79
CA PRO D 120 6.03 16.23 25.51
C PRO D 120 6.89 16.51 24.26
N GLY D 121 8.00 15.78 24.06
CA GLY D 121 8.91 15.96 22.91
C GLY D 121 8.19 15.73 21.58
N TRP D 122 7.13 14.92 21.59
CA TRP D 122 6.39 14.45 20.40
C TRP D 122 5.32 15.47 19.97
N GLU D 123 4.87 16.35 20.88
CA GLU D 123 3.69 17.22 20.62
C GLU D 123 4.02 18.17 19.46
N ILE D 124 3.05 18.49 18.62
CA ILE D 124 3.23 19.63 17.69
C ILE D 124 3.49 20.89 18.55
N VAL D 125 4.39 21.76 18.12
CA VAL D 125 4.72 23.01 18.86
C VAL D 125 3.58 24.00 18.71
N PRO D 126 3.33 24.87 19.72
CA PRO D 126 2.17 25.78 19.72
C PRO D 126 2.05 26.80 18.57
N GLU D 127 3.17 27.23 17.99
CA GLU D 127 3.22 28.21 16.88
C GLU D 127 2.40 27.72 15.67
N VAL D 128 2.28 26.39 15.48
CA VAL D 128 1.53 25.84 14.31
C VAL D 128 0.55 24.78 14.79
N ALA D 129 -0.04 24.96 15.98
CA ALA D 129 -0.99 24.00 16.59
C ALA D 129 -2.12 23.70 15.60
N PRO D 130 -2.58 22.45 15.48
CA PRO D 130 -3.77 22.15 14.71
C PRO D 130 -5.03 22.73 15.37
N ARG D 131 -6.02 23.08 14.55
CA ARG D 131 -7.44 23.27 14.93
C ARG D 131 -8.27 22.05 14.52
N GLU D 132 -9.47 21.90 15.09
CA GLU D 132 -10.47 20.85 14.74
C GLU D 132 -10.77 20.94 13.23
N GLY D 133 -10.92 19.79 12.57
CA GLY D 133 -11.16 19.70 11.11
C GLY D 133 -9.86 19.70 10.30
N GLU D 134 -8.69 19.73 10.95
CA GLU D 134 -7.36 19.61 10.30
C GLU D 134 -6.72 18.30 10.76
N PRO D 135 -6.88 17.18 10.01
CA PRO D 135 -6.46 15.86 10.50
C PRO D 135 -4.97 15.78 10.84
N ILE D 136 -4.66 15.03 11.88
CA ILE D 136 -3.24 14.76 12.22
C ILE D 136 -2.93 13.33 11.78
N ILE D 137 -1.78 13.15 11.11
CA ILE D 137 -1.22 11.84 10.70
C ILE D 137 -0.16 11.47 11.72
N ASP D 138 -0.34 10.35 12.39
CA ASP D 138 0.73 9.73 13.24
C ASP D 138 1.46 8.69 12.39
N LYS D 139 2.70 8.99 11.99
CA LYS D 139 3.51 8.11 11.10
C LYS D 139 4.67 7.52 11.88
N PRO D 140 4.94 6.21 11.71
CA PRO D 140 6.12 5.58 12.28
C PRO D 140 7.38 5.66 11.40
N GLY D 141 7.24 6.21 10.19
CA GLY D 141 8.39 6.44 9.29
C GLY D 141 8.54 7.90 8.95
N LYS D 142 9.40 8.17 7.97
CA LYS D 142 9.69 9.53 7.47
C LYS D 142 8.62 9.94 6.44
N GLY D 143 8.24 9.03 5.55
CA GLY D 143 7.15 9.31 4.58
C GLY D 143 5.78 9.25 5.25
N ALA D 144 4.92 10.24 4.97
CA ALA D 144 3.59 10.40 5.58
C ALA D 144 2.57 9.36 5.06
N PHE D 145 2.85 8.69 3.91
CA PHE D 145 1.91 7.74 3.24
C PHE D 145 2.02 6.34 3.86
N TYR D 146 3.23 5.90 4.19
CA TYR D 146 3.56 4.53 4.68
C TYR D 146 2.98 4.28 6.08
N ALA D 147 2.11 3.26 6.17
CA ALA D 147 1.49 2.76 7.41
C ALA D 147 0.57 3.83 8.04
N THR D 148 -0.08 4.67 7.23
CA THR D 148 -1.05 5.70 7.65
C THR D 148 -2.29 5.67 6.74
N ASP D 149 -3.27 6.51 7.07
CA ASP D 149 -4.53 6.71 6.33
C ASP D 149 -4.41 7.97 5.45
N LEU D 150 -3.22 8.58 5.31
CA LEU D 150 -3.12 9.91 4.64
C LEU D 150 -3.78 9.83 3.26
N ASP D 151 -3.45 8.79 2.48
CA ASP D 151 -3.94 8.70 1.09
C ASP D 151 -5.47 8.63 1.17
N LEU D 152 -6.02 7.93 2.17
CA LEU D 152 -7.49 7.81 2.30
C LEU D 152 -8.05 9.20 2.60
N LEU D 153 -7.49 9.93 3.59
CA LEU D 153 -7.96 11.31 3.87
C LEU D 153 -7.92 12.17 2.58
N LEU D 154 -6.79 12.15 1.86
CA LEU D 154 -6.59 13.02 0.66
C LEU D 154 -7.58 12.65 -0.44
N ARG D 155 -7.76 11.36 -0.69
CA ARG D 155 -8.61 10.93 -1.82
C ARG D 155 -10.08 11.19 -1.47
N THR D 156 -10.53 11.03 -0.21
CA THR D 156 -11.97 11.24 0.12
C THR D 156 -12.28 12.74 -0.01
N ARG D 157 -11.29 13.59 0.18
CA ARG D 157 -11.47 15.07 0.05
C ARG D 157 -11.26 15.55 -1.39
N GLY D 158 -10.92 14.70 -2.35
CA GLY D 158 -10.59 15.08 -3.74
C GLY D 158 -9.34 15.97 -3.81
N ILE D 159 -8.31 15.73 -2.99
CA ILE D 159 -7.09 16.58 -3.02
C ILE D 159 -6.20 16.09 -4.16
N THR D 160 -5.70 16.99 -4.99
CA THR D 160 -4.81 16.63 -6.13
C THR D 160 -3.49 17.38 -6.02
N HIS D 161 -3.45 18.44 -5.21
CA HIS D 161 -2.35 19.44 -5.12
C HIS D 161 -1.89 19.50 -3.67
N LEU D 162 -0.59 19.48 -3.41
CA LEU D 162 -0.04 19.61 -2.05
C LEU D 162 0.92 20.80 -1.98
N ILE D 163 0.85 21.54 -0.86
CA ILE D 163 1.88 22.55 -0.45
C ILE D 163 2.54 22.02 0.82
N LEU D 164 3.86 21.88 0.79
CA LEU D 164 4.60 21.16 1.86
C LEU D 164 5.44 22.16 2.66
N THR D 165 5.27 22.11 3.98
CA THR D 165 6.16 22.79 4.96
C THR D 165 6.51 21.77 6.03
N GLY D 166 7.50 22.06 6.85
CA GLY D 166 7.86 21.17 7.95
C GLY D 166 9.30 20.75 7.86
N ILE D 167 9.69 19.80 8.70
CA ILE D 167 11.10 19.48 8.98
C ILE D 167 11.24 17.97 9.09
N THR D 168 12.39 17.41 8.67
CA THR D 168 13.47 18.14 8.04
C THR D 168 13.33 18.02 6.52
N THR D 169 13.90 19.00 5.81
CA THR D 169 13.73 19.21 4.35
C THR D 169 14.11 17.94 3.60
N ASP D 170 15.20 17.29 4.03
CA ASP D 170 15.89 16.16 3.34
C ASP D 170 15.34 14.82 3.85
N VAL D 171 14.63 14.77 5.00
CA VAL D 171 14.17 13.47 5.58
C VAL D 171 12.66 13.33 5.38
N SER D 172 11.84 13.66 6.38
CA SER D 172 10.36 13.49 6.32
C SER D 172 9.74 14.30 5.18
N VAL D 173 10.17 15.55 5.01
CA VAL D 173 9.51 16.41 3.99
C VAL D 173 9.79 15.82 2.59
N HIS D 174 11.05 15.54 2.27
CA HIS D 174 11.40 15.00 0.94
C HIS D 174 10.73 13.64 0.74
N THR D 175 10.70 12.78 1.76
CA THR D 175 10.17 11.41 1.61
C THR D 175 8.68 11.49 1.29
N THR D 176 7.95 12.30 2.03
CA THR D 176 6.51 12.60 1.80
C THR D 176 6.31 13.12 0.37
N MET D 177 7.16 14.06 -0.06
CA MET D 177 7.07 14.67 -1.40
C MET D 177 7.28 13.59 -2.48
N ARG D 178 8.28 12.71 -2.30
CA ARG D 178 8.59 11.65 -3.30
C ARG D 178 7.37 10.72 -3.40
N GLU D 179 6.77 10.31 -2.26
CA GLU D 179 5.62 9.36 -2.19
C GLU D 179 4.41 9.99 -2.91
N ALA D 180 4.08 11.23 -2.54
CA ALA D 180 2.97 12.01 -3.12
C ALA D 180 3.15 12.08 -4.65
N ASN D 181 4.32 12.54 -5.06
CA ASN D 181 4.66 12.78 -6.48
C ASN D 181 4.44 11.51 -7.30
N ASP D 182 4.90 10.37 -6.81
CA ASP D 182 4.81 9.07 -7.53
C ASP D 182 3.34 8.71 -7.75
N ARG D 183 2.46 9.10 -6.84
CA ARG D 183 1.01 8.76 -6.91
C ARG D 183 0.27 9.77 -7.81
N GLY D 184 0.93 10.84 -8.21
CA GLY D 184 0.38 11.78 -9.23
C GLY D 184 0.01 13.12 -8.64
N TYR D 185 0.18 13.29 -7.32
CA TYR D 185 -0.01 14.58 -6.60
C TYR D 185 0.98 15.59 -7.19
N GLU D 186 0.49 16.81 -7.41
CA GLU D 186 1.26 18.01 -7.82
C GLU D 186 1.70 18.73 -6.55
N CYS D 187 3.01 18.79 -6.27
CA CYS D 187 3.56 19.26 -4.98
C CYS D 187 4.44 20.53 -5.14
N LEU D 188 4.30 21.43 -4.17
CA LEU D 188 5.13 22.65 -3.98
C LEU D 188 5.82 22.55 -2.63
N ILE D 189 7.12 22.79 -2.59
CA ILE D 189 7.87 22.76 -1.31
C ILE D 189 8.29 24.20 -1.06
N LEU D 190 8.03 24.71 0.15
CA LEU D 190 8.34 26.12 0.49
C LEU D 190 9.72 26.18 1.13
N SER D 191 10.68 26.86 0.46
CA SER D 191 12.14 26.95 0.82
C SER D 191 12.36 27.50 2.24
N ASP D 192 11.55 28.48 2.67
CA ASP D 192 11.76 29.21 3.96
C ASP D 192 10.94 28.54 5.07
N CYS D 193 10.01 27.64 4.77
CA CYS D 193 9.11 26.94 5.74
C CYS D 193 9.53 25.48 5.95
N THR D 194 10.77 25.16 5.63
CA THR D 194 11.43 23.83 5.77
C THR D 194 12.79 24.12 6.39
N GLY D 195 13.53 23.08 6.79
CA GLY D 195 14.87 23.22 7.34
C GLY D 195 15.41 21.85 7.67
N ALA D 196 16.74 21.74 7.79
CA ALA D 196 17.46 20.46 7.96
C ALA D 196 18.51 20.52 9.07
N THR D 197 19.09 19.36 9.39
CA THR D 197 20.19 19.24 10.38
C THR D 197 21.48 19.82 9.76
N ASP D 198 21.48 20.12 8.46
CA ASP D 198 22.66 20.63 7.71
C ASP D 198 22.17 21.57 6.60
N ARG D 199 22.71 22.80 6.54
CA ARG D 199 22.21 23.86 5.62
C ARG D 199 22.42 23.40 4.17
N LYS D 200 23.53 22.72 3.91
CA LYS D 200 23.93 22.25 2.56
C LYS D 200 22.90 21.19 2.10
N HIS D 201 22.45 20.32 3.02
CA HIS D 201 21.41 19.28 2.75
C HIS D 201 20.07 19.96 2.42
N HIS D 202 19.71 21.04 3.12
CA HIS D 202 18.47 21.81 2.89
C HIS D 202 18.52 22.36 1.46
N GLU D 203 19.59 23.07 1.12
CA GLU D 203 19.77 23.69 -0.21
C GLU D 203 19.75 22.59 -1.30
N ALA D 204 20.49 21.49 -1.11
CA ALA D 204 20.57 20.38 -2.07
C ALA D 204 19.20 19.65 -2.16
N ALA D 205 18.47 19.51 -1.06
CA ALA D 205 17.11 18.91 -1.07
C ALA D 205 16.20 19.78 -1.97
N LEU D 206 16.33 21.10 -1.94
CA LEU D 206 15.45 21.98 -2.75
C LEU D 206 15.83 21.95 -4.24
N SER D 207 17.12 22.01 -4.59
CA SER D 207 17.53 22.02 -6.01
C SER D 207 17.31 20.62 -6.63
N MET D 208 17.27 19.53 -5.85
CA MET D 208 16.97 18.18 -6.43
C MET D 208 15.58 18.22 -7.08
N VAL D 209 14.68 19.01 -6.49
CA VAL D 209 13.25 19.11 -6.93
C VAL D 209 13.19 19.67 -8.36
N THR D 210 14.12 20.56 -8.70
CA THR D 210 14.02 21.50 -9.84
C THR D 210 14.52 20.84 -11.14
N MET D 211 15.19 19.70 -11.05
CA MET D 211 15.83 19.08 -12.24
C MET D 211 14.77 18.47 -13.16
N GLN D 212 15.11 18.24 -14.43
CA GLN D 212 14.27 17.45 -15.38
C GLN D 212 12.90 18.14 -15.58
N GLY D 213 12.85 19.48 -15.51
CA GLY D 213 11.60 20.28 -15.65
C GLY D 213 10.76 20.26 -14.39
N GLY D 214 11.32 19.72 -13.30
CA GLY D 214 10.67 19.72 -11.96
C GLY D 214 10.25 18.32 -11.55
N VAL D 215 11.25 17.45 -11.37
CA VAL D 215 11.08 15.97 -11.24
C VAL D 215 10.16 15.63 -10.07
N PHE D 216 10.17 16.40 -8.95
CA PHE D 216 9.31 16.12 -7.77
C PHE D 216 8.22 17.19 -7.61
N GLY D 217 8.19 18.18 -8.50
CA GLY D 217 7.32 19.35 -8.40
C GLY D 217 8.13 20.62 -8.59
N ALA D 218 7.84 21.64 -7.77
CA ALA D 218 8.48 22.97 -7.80
C ALA D 218 8.75 23.47 -6.37
N THR D 219 9.67 24.43 -6.26
CA THR D 219 10.07 25.09 -4.99
C THR D 219 9.65 26.55 -5.08
N ALA D 220 9.32 27.18 -3.97
CA ALA D 220 9.00 28.61 -3.90
C ALA D 220 9.22 29.11 -2.47
N HIS D 221 9.30 30.43 -2.33
CA HIS D 221 9.30 31.18 -1.05
C HIS D 221 7.85 31.41 -0.65
N SER D 222 7.54 31.33 0.64
CA SER D 222 6.22 31.70 1.20
C SER D 222 5.75 33.04 0.57
N ASP D 223 6.62 34.03 0.38
CA ASP D 223 6.24 35.34 -0.24
C ASP D 223 5.55 35.08 -1.59
N ASP D 224 6.12 34.20 -2.43
CA ASP D 224 5.57 33.91 -3.78
C ASP D 224 4.22 33.19 -3.65
N LEU D 225 4.06 32.32 -2.67
CA LEU D 225 2.76 31.64 -2.38
C LEU D 225 1.74 32.70 -1.95
N LEU D 226 2.12 33.53 -0.98
CA LEU D 226 1.19 34.54 -0.42
C LEU D 226 0.78 35.55 -1.51
N ALA D 227 1.67 35.93 -2.44
CA ALA D 227 1.32 36.78 -3.60
C ALA D 227 0.22 36.11 -4.43
N ALA D 228 0.38 34.83 -4.78
CA ALA D 228 -0.61 34.08 -5.59
C ALA D 228 -1.97 34.02 -4.85
N LEU D 229 -1.95 33.84 -3.54
CA LEU D 229 -3.19 33.69 -2.72
C LEU D 229 -3.89 35.06 -2.55
N GLY D 230 -3.22 36.15 -2.90
CA GLY D 230 -3.83 37.49 -3.00
C GLY D 230 -4.28 37.84 -4.41
N THR D 231 -4.21 36.89 -5.35
CA THR D 231 -4.49 37.12 -6.80
C THR D 231 -5.43 36.02 -7.31
N THR D 232 -6.74 36.23 -7.13
CA THR D 232 -7.82 35.38 -7.70
C THR D 232 -7.83 35.65 -9.21
N VAL D 233 -8.24 34.69 -10.06
CA VAL D 233 -8.14 34.82 -11.56
C VAL D 233 -9.56 34.77 -12.14
C2 C5J E . 15.65 7.86 -12.15
C5 C5J E . 14.73 9.84 -12.97
N1 C5J E . 15.79 6.62 -12.59
N6 C5J E . 15.91 10.50 -12.70
N4 C5J E . 14.60 8.53 -12.68
O3 C5J E . 16.37 8.32 -11.26
O7 C5J E . 13.79 10.42 -13.53
C2 C5J F . -9.38 -18.58 -7.64
C5 C5J F . -10.26 -16.71 -8.80
N1 C5J F . -10.65 -19.01 -7.41
N6 C5J F . -9.99 -15.96 -9.86
N4 C5J F . -9.18 -17.41 -8.26
O3 C5J F . -8.42 -19.16 -7.12
O7 C5J F . -11.27 -16.47 -8.14
C2 C5J G . -17.34 -5.75 10.86
C5 C5J G . -19.15 -4.62 9.76
N1 C5J G . -16.54 -5.48 11.87
N6 C5J G . -19.82 -5.79 9.67
N4 C5J G . -17.87 -4.63 10.25
O3 C5J G . -17.39 -6.92 10.38
O7 C5J G . -19.62 -3.60 9.20
C2 C5J H . 14.04 12.94 10.98
C5 C5J H . 12.13 14.10 10.21
N1 C5J H . 14.82 13.92 10.47
N6 C5J H . 11.08 14.58 10.83
N4 C5J H . 12.69 13.00 10.78
O3 C5J H . 14.54 11.97 11.56
O7 C5J H . 12.64 14.69 9.25
#